data_4K2M
#
_entry.id   4K2M
#
_cell.length_a   49.700
_cell.length_b   106.440
_cell.length_c   98.240
_cell.angle_alpha   90.00
_cell.angle_beta   96.42
_cell.angle_gamma   90.00
#
_symmetry.space_group_name_H-M   'P 1 21 1'
#
loop_
_entity.id
_entity.type
_entity.pdbx_description
1 polymer 'NTD biosynthesis operon protein NtdA'
2 non-polymer '3-deoxy-3-[(E)-({3-hydroxy-2-methyl-5-[(phosphonooxy)methyl]pyridin-4-yl}methylidene)amino]-6-O-phosphono-alpha-D-gluco pyranose'
3 non-polymer 1,2-ETHANEDIOL
4 non-polymer 'ACETATE ION'
5 water water
#
_entity_poly.entity_id   1
_entity_poly.type   'polypeptide(L)'
_entity_poly.pdbx_seq_one_letter_code
;AGMQKQVKISGKSKENMSLLKHLKGDVQGKELVIEDSIVNERWKQVLKEKIDIEHDLFNYQKNREISKVPFLPVDRLITN
DEVEDILNTLTEVLPTGKFTSGPYLEQFEKVLSTYLHKRYVIATSSGTDAIMIGLLALGLNPGDEVIMPANSFSATENAV
LASGGVPIYVDINPQTFCIDPDKIEEAITPYTKFILPVHLYGKHSDMQHIRQIANRYKLKVIEDACQGIGLTDLGKYADI
TTLSFNPYKNFGVCGKAGAIATDNEELAKKCIQFSYHGFEVNVKNKKVINFGFNSKMDNLQAAIGLERMKYLSLNNFKRL
FLADRYITQLAELQNKGYIELPELSEDHVWHLFPIKVRTEDRADIMTKLNEDFGVQTDVYYPILSHMQKTPLVQDKYAGL
QLVHTEKAHSQVLHLPLYPSFTLEEQDRVMEGLFHVIKQEIGV
;
_entity_poly.pdbx_strand_id   A,B
#
# COMPACT_ATOMS: atom_id res chain seq x y z
N ALA A 1 21.66 -37.77 31.85
CA ALA A 1 22.03 -36.67 32.75
C ALA A 1 20.93 -36.45 33.77
N GLY A 2 21.32 -36.05 34.97
CA GLY A 2 20.37 -35.73 36.02
C GLY A 2 19.87 -34.30 35.84
N MET A 3 20.31 -33.68 34.76
CA MET A 3 19.96 -32.30 34.45
C MET A 3 19.10 -32.23 33.19
N GLN A 4 17.85 -31.83 33.35
CA GLN A 4 16.94 -31.73 32.23
C GLN A 4 17.30 -30.52 31.37
N LYS A 5 17.56 -30.73 30.08
CA LYS A 5 17.70 -29.60 29.16
C LYS A 5 16.35 -28.93 28.98
N GLN A 6 16.35 -27.60 29.00
CA GLN A 6 15.13 -26.83 28.75
C GLN A 6 14.86 -26.80 27.25
N VAL A 7 13.59 -26.75 26.89
CA VAL A 7 13.20 -26.59 25.50
C VAL A 7 12.66 -25.18 25.38
N LYS A 8 13.48 -24.27 24.85
CA LYS A 8 13.07 -22.88 24.72
C LYS A 8 12.11 -22.79 23.54
N ILE A 9 10.87 -22.38 23.80
CA ILE A 9 9.92 -22.18 22.71
C ILE A 9 9.98 -20.73 22.24
N SER A 10 10.70 -20.50 21.15
CA SER A 10 10.81 -19.17 20.55
C SER A 10 9.87 -19.06 19.37
N GLY A 11 9.44 -20.21 18.86
CA GLY A 11 8.61 -20.26 17.67
C GLY A 11 9.44 -20.27 16.39
N LYS A 12 10.76 -20.21 16.53
CA LYS A 12 11.64 -20.18 15.37
C LYS A 12 11.89 -21.61 14.86
N SER A 13 12.42 -21.72 13.66
CA SER A 13 12.45 -22.98 12.97
C SER A 13 13.27 -24.05 13.68
N LYS A 14 14.45 -23.69 14.16
CA LYS A 14 15.31 -24.67 14.80
C LYS A 14 14.68 -25.14 16.11
N GLU A 15 14.17 -24.19 16.88
CA GLU A 15 13.54 -24.55 18.14
C GLU A 15 12.26 -25.36 17.91
N ASN A 16 11.55 -25.10 16.81
CA ASN A 16 10.33 -25.85 16.54
C ASN A 16 10.61 -27.32 16.27
N MET A 17 11.79 -27.62 15.74
CA MET A 17 12.14 -29.02 15.47
C MET A 17 12.28 -29.79 16.76
N SER A 18 12.86 -29.14 17.77
CA SER A 18 12.97 -29.78 19.08
C SER A 18 11.58 -29.93 19.70
N LEU A 19 10.77 -28.89 19.59
CA LEU A 19 9.42 -28.90 20.15
C LEU A 19 8.58 -30.02 19.54
N LEU A 20 8.80 -30.28 18.26
CA LEU A 20 8.09 -31.35 17.54
C LEU A 20 8.36 -32.70 18.18
N LYS A 21 9.63 -32.98 18.43
CA LYS A 21 9.97 -34.22 19.13
C LYS A 21 9.32 -34.28 20.50
N HIS A 22 9.30 -33.15 21.20
CA HIS A 22 8.77 -33.15 22.56
C HIS A 22 7.25 -33.28 22.64
N LEU A 23 6.57 -32.65 21.70
CA LEU A 23 5.12 -32.66 21.72
C LEU A 23 4.58 -33.97 21.14
N LYS A 24 5.47 -34.74 20.53
CA LYS A 24 5.12 -36.09 20.11
C LYS A 24 5.25 -37.06 21.28
N GLY A 25 5.97 -36.65 22.32
CA GLY A 25 6.22 -37.52 23.47
C GLY A 25 5.17 -37.44 24.57
N ASP A 26 5.30 -38.33 25.56
CA ASP A 26 4.34 -38.41 26.66
C ASP A 26 4.49 -37.34 27.75
N VAL A 27 5.73 -37.02 28.09
CA VAL A 27 5.98 -36.04 29.15
C VAL A 27 6.18 -34.67 28.53
N GLN A 28 5.27 -33.75 28.85
CA GLN A 28 5.34 -32.39 28.35
C GLN A 28 5.16 -31.52 29.58
N GLY A 29 6.26 -31.21 30.25
CA GLY A 29 6.16 -30.52 31.51
C GLY A 29 6.93 -29.22 31.56
N LYS A 30 7.48 -28.93 32.72
CA LYS A 30 8.10 -27.63 33.02
C LYS A 30 9.33 -27.33 32.15
N GLU A 31 9.86 -28.36 31.49
CA GLU A 31 11.06 -28.18 30.67
C GLU A 31 10.73 -27.40 29.41
N LEU A 32 9.44 -27.31 29.09
CA LEU A 32 8.98 -26.54 27.95
C LEU A 32 8.78 -25.10 28.38
N VAL A 33 9.69 -24.21 27.97
CA VAL A 33 9.67 -22.83 28.43
C VAL A 33 9.20 -21.91 27.32
N ILE A 34 8.03 -21.30 27.50
CA ILE A 34 7.49 -20.38 26.50
C ILE A 34 8.16 -19.02 26.61
N GLU A 35 8.90 -18.61 25.58
CA GLU A 35 9.50 -17.29 25.61
C GLU A 35 8.42 -16.21 25.64
N ASP A 36 8.65 -15.19 26.45
CA ASP A 36 7.68 -14.13 26.64
C ASP A 36 7.68 -13.22 25.41
N SER A 37 7.05 -13.69 24.34
CA SER A 37 6.91 -12.91 23.12
C SER A 37 5.45 -12.96 22.64
N ILE A 38 5.01 -11.90 21.99
CA ILE A 38 3.67 -11.87 21.43
C ILE A 38 3.42 -13.07 20.51
N VAL A 39 4.46 -13.52 19.82
CA VAL A 39 4.31 -14.58 18.80
C VAL A 39 3.90 -15.90 19.42
N ASN A 40 4.09 -16.01 20.74
CA ASN A 40 3.80 -17.25 21.46
C ASN A 40 2.48 -17.20 22.20
N GLU A 41 1.71 -16.14 22.02
CA GLU A 41 0.52 -15.95 22.86
C GLU A 41 -0.47 -17.12 22.79
N ARG A 42 -0.69 -17.66 21.59
N ARG A 42 -0.69 -17.66 21.59
CA ARG A 42 -1.65 -18.74 21.43
CA ARG A 42 -1.64 -18.75 21.43
C ARG A 42 -1.13 -20.08 21.97
C ARG A 42 -1.13 -20.08 21.99
N TRP A 43 0.17 -20.18 22.19
CA TRP A 43 0.76 -21.39 22.79
C TRP A 43 0.39 -21.47 24.28
N LYS A 44 0.30 -20.31 24.92
CA LYS A 44 0.06 -20.22 26.37
C LYS A 44 -1.11 -21.05 26.87
N GLN A 45 -2.27 -20.89 26.24
CA GLN A 45 -3.45 -21.63 26.68
C GLN A 45 -3.30 -23.09 26.26
N VAL A 46 -2.76 -23.29 25.06
CA VAL A 46 -2.67 -24.60 24.45
C VAL A 46 -1.80 -25.52 25.30
N LEU A 47 -0.65 -25.01 25.75
CA LEU A 47 0.31 -25.82 26.47
C LEU A 47 0.02 -25.96 27.96
N LYS A 48 -1.14 -25.49 28.40
CA LYS A 48 -1.50 -25.63 29.80
C LYS A 48 -1.64 -27.11 30.16
N GLU A 49 -2.02 -27.91 29.16
CA GLU A 49 -2.18 -29.34 29.38
C GLU A 49 -1.34 -30.11 28.38
N LYS A 50 -1.09 -31.39 28.67
CA LYS A 50 -0.40 -32.27 27.75
C LYS A 50 -1.18 -32.33 26.43
N ILE A 51 -0.44 -32.25 25.32
CA ILE A 51 -1.01 -32.13 23.98
C ILE A 51 -0.93 -33.44 23.20
N ASP A 52 -2.02 -33.83 22.53
CA ASP A 52 -1.92 -34.83 21.46
C ASP A 52 -2.04 -34.01 20.19
N ILE A 53 -0.98 -33.95 19.39
CA ILE A 53 -0.98 -32.98 18.29
C ILE A 53 -2.15 -33.21 17.35
N GLU A 54 -2.35 -34.46 16.92
CA GLU A 54 -3.38 -34.72 15.91
C GLU A 54 -4.76 -34.29 16.39
N HIS A 55 -5.09 -34.60 17.63
CA HIS A 55 -6.40 -34.21 18.13
C HIS A 55 -6.47 -32.74 18.56
N ASP A 56 -5.49 -32.29 19.35
CA ASP A 56 -5.63 -30.99 20.01
C ASP A 56 -5.32 -29.83 19.10
N LEU A 57 -4.37 -30.01 18.19
CA LEU A 57 -4.02 -28.92 17.26
C LEU A 57 -4.79 -29.00 15.94
N PHE A 58 -5.10 -30.22 15.49
CA PHE A 58 -5.69 -30.40 14.16
C PHE A 58 -7.13 -30.89 14.16
N ASN A 59 -7.62 -31.28 15.33
CA ASN A 59 -8.96 -31.88 15.44
C ASN A 59 -9.16 -32.99 14.39
N TYR A 60 -8.18 -33.89 14.30
CA TYR A 60 -8.14 -34.95 13.29
C TYR A 60 -9.47 -35.72 13.29
N GLN A 61 -10.12 -35.77 12.13
CA GLN A 61 -11.33 -36.57 11.98
C GLN A 61 -11.09 -37.49 10.79
N LYS A 62 -10.45 -38.63 11.05
CA LYS A 62 -10.04 -39.53 9.97
C LYS A 62 -11.24 -40.00 9.14
N ASN A 63 -12.38 -40.12 9.81
CA ASN A 63 -13.60 -40.63 9.16
C ASN A 63 -14.45 -39.55 8.50
N ARG A 64 -13.94 -38.33 8.40
CA ARG A 64 -14.72 -37.29 7.74
C ARG A 64 -14.47 -37.45 6.26
N GLU A 65 -15.54 -37.62 5.48
CA GLU A 65 -15.36 -37.84 4.06
C GLU A 65 -14.85 -36.56 3.40
N ILE A 66 -13.82 -36.74 2.59
CA ILE A 66 -13.24 -35.64 1.84
C ILE A 66 -13.42 -35.96 0.37
N SER A 67 -14.15 -35.09 -0.35
CA SER A 67 -14.34 -35.30 -1.80
C SER A 67 -13.53 -34.31 -2.62
N LYS A 68 -13.06 -33.25 -1.99
CA LYS A 68 -12.18 -32.30 -2.68
C LYS A 68 -11.23 -31.64 -1.69
N VAL A 69 -10.04 -31.29 -2.19
CA VAL A 69 -9.02 -30.66 -1.37
C VAL A 69 -8.49 -29.47 -2.16
N PRO A 70 -9.00 -28.26 -1.85
CA PRO A 70 -8.46 -27.04 -2.46
C PRO A 70 -7.01 -26.84 -2.04
N PHE A 71 -6.20 -26.27 -2.91
CA PHE A 71 -4.81 -26.05 -2.56
C PHE A 71 -4.66 -24.98 -1.46
N LEU A 72 -5.37 -23.88 -1.61
CA LEU A 72 -5.22 -22.77 -0.66
C LEU A 72 -6.49 -21.94 -0.60
N PRO A 73 -7.49 -22.43 0.15
CA PRO A 73 -8.75 -21.71 0.33
C PRO A 73 -8.53 -20.51 1.25
N VAL A 74 -8.55 -19.30 0.70
CA VAL A 74 -8.12 -18.14 1.47
C VAL A 74 -9.00 -17.86 2.66
N ASP A 75 -10.24 -18.36 2.64
CA ASP A 75 -11.13 -18.13 3.77
C ASP A 75 -10.64 -18.90 4.99
N ARG A 76 -9.89 -19.96 4.76
CA ARG A 76 -9.39 -20.76 5.86
C ARG A 76 -8.03 -20.31 6.37
N LEU A 77 -7.43 -19.31 5.73
CA LEU A 77 -6.17 -18.77 6.21
C LEU A 77 -6.37 -17.81 7.37
N ILE A 78 -7.62 -17.48 7.67
CA ILE A 78 -7.88 -16.63 8.83
C ILE A 78 -8.94 -17.33 9.67
N THR A 79 -8.68 -17.53 10.95
CA THR A 79 -9.57 -18.32 11.81
C THR A 79 -10.66 -17.45 12.42
N ASN A 80 -11.70 -18.08 12.96
CA ASN A 80 -12.75 -17.30 13.60
C ASN A 80 -12.19 -16.50 14.78
N ASP A 81 -11.25 -17.08 15.52
CA ASP A 81 -10.66 -16.36 16.66
C ASP A 81 -9.89 -15.11 16.21
N GLU A 82 -9.21 -15.21 15.09
CA GLU A 82 -8.51 -14.04 14.56
C GLU A 82 -9.49 -12.96 14.18
N VAL A 83 -10.59 -13.35 13.53
CA VAL A 83 -11.60 -12.39 13.09
C VAL A 83 -12.15 -11.66 14.30
N GLU A 84 -12.42 -12.40 15.37
CA GLU A 84 -12.90 -11.79 16.60
C GLU A 84 -11.90 -10.79 17.19
N ASP A 85 -10.63 -11.20 17.28
CA ASP A 85 -9.57 -10.32 17.76
C ASP A 85 -9.46 -9.06 16.92
N ILE A 86 -9.56 -9.22 15.60
CA ILE A 86 -9.37 -8.09 14.68
C ILE A 86 -10.54 -7.10 14.79
N LEU A 87 -11.76 -7.63 14.82
CA LEU A 87 -12.94 -6.77 15.00
C LEU A 87 -12.84 -5.99 16.31
N ASN A 88 -12.32 -6.64 17.35
CA ASN A 88 -12.12 -6.00 18.65
C ASN A 88 -11.14 -4.83 18.60
N THR A 89 -9.99 -5.03 17.96
N THR A 89 -9.99 -5.03 17.94
CA THR A 89 -8.99 -3.97 17.88
CA THR A 89 -9.01 -3.95 17.86
C THR A 89 -9.47 -2.83 16.97
C THR A 89 -9.51 -2.82 16.98
N LEU A 90 -10.20 -3.16 15.90
CA LEU A 90 -10.70 -2.16 14.97
C LEU A 90 -11.79 -1.31 15.62
N THR A 91 -12.50 -1.90 16.57
CA THR A 91 -13.48 -1.15 17.34
C THR A 91 -12.80 -0.01 18.10
N GLU A 92 -11.55 -0.23 18.50
CA GLU A 92 -10.76 0.80 19.18
C GLU A 92 -10.00 1.69 18.21
N VAL A 93 -9.49 1.13 17.12
CA VAL A 93 -8.67 1.94 16.21
C VAL A 93 -9.50 2.88 15.34
N LEU A 94 -10.63 2.39 14.83
CA LEU A 94 -11.42 3.18 13.88
C LEU A 94 -11.80 4.58 14.37
N PRO A 95 -12.27 4.70 15.64
CA PRO A 95 -12.67 6.04 16.11
C PRO A 95 -11.49 6.97 16.34
N THR A 96 -10.27 6.44 16.35
CA THR A 96 -9.09 7.32 16.49
C THR A 96 -8.83 8.11 15.24
N GLY A 97 -9.30 7.60 14.10
CA GLY A 97 -9.07 8.28 12.84
C GLY A 97 -7.66 8.10 12.30
N LYS A 98 -6.83 7.32 12.99
CA LYS A 98 -5.43 7.18 12.57
C LYS A 98 -5.24 5.87 11.83
N PHE A 99 -5.11 5.95 10.51
CA PHE A 99 -5.14 4.73 9.68
C PHE A 99 -3.86 4.56 8.90
N THR A 100 -3.20 5.67 8.62
CA THR A 100 -1.93 5.66 7.89
C THR A 100 -0.82 5.84 8.92
N SER A 101 -0.51 7.08 9.28
N SER A 101 -0.56 7.09 9.28
CA SER A 101 0.41 7.28 10.38
CA SER A 101 0.34 7.35 10.41
C SER A 101 -0.32 6.98 11.68
C SER A 101 -0.36 6.96 11.70
N GLY A 102 0.41 6.52 12.69
CA GLY A 102 -0.18 6.22 13.99
C GLY A 102 0.69 5.43 14.93
N PRO A 103 0.24 5.28 16.17
CA PRO A 103 1.06 4.67 17.23
C PRO A 103 1.27 3.16 17.10
N TYR A 104 0.38 2.44 16.44
CA TYR A 104 0.55 1.00 16.30
C TYR A 104 1.74 0.64 15.40
N LEU A 105 2.06 1.51 14.45
CA LEU A 105 3.24 1.33 13.60
C LEU A 105 4.51 1.12 14.43
N GLU A 106 4.82 2.05 15.32
CA GLU A 106 6.03 1.96 16.13
C GLU A 106 6.03 0.70 17.02
N GLN A 107 4.86 0.37 17.58
N GLN A 107 4.86 0.37 17.55
CA GLN A 107 4.76 -0.80 18.43
CA GLN A 107 4.72 -0.79 18.42
C GLN A 107 4.99 -2.09 17.63
C GLN A 107 4.97 -2.07 17.64
N PHE A 108 4.45 -2.12 16.41
CA PHE A 108 4.61 -3.29 15.56
C PHE A 108 6.08 -3.42 15.13
N GLU A 109 6.70 -2.28 14.78
CA GLU A 109 8.12 -2.32 14.41
C GLU A 109 8.98 -2.77 15.59
N LYS A 110 8.66 -2.27 16.79
CA LYS A 110 9.36 -2.69 17.99
C LYS A 110 9.23 -4.19 18.28
N VAL A 111 8.04 -4.74 18.14
CA VAL A 111 7.82 -6.17 18.35
C VAL A 111 8.61 -7.01 17.33
N LEU A 112 8.60 -6.55 16.08
CA LEU A 112 9.39 -7.21 15.04
C LEU A 112 10.88 -7.14 15.31
N SER A 113 11.32 -5.99 15.81
CA SER A 113 12.74 -5.77 16.12
C SER A 113 13.21 -6.80 17.15
N THR A 114 12.39 -7.00 18.17
CA THR A 114 12.69 -7.96 19.22
C THR A 114 12.66 -9.40 18.70
N TYR A 115 11.65 -9.69 17.90
CA TYR A 115 11.51 -11.03 17.34
C TYR A 115 12.65 -11.38 16.41
N LEU A 116 13.03 -10.45 15.53
CA LEU A 116 14.08 -10.68 14.57
C LEU A 116 15.49 -10.51 15.12
N HIS A 117 15.59 -9.95 16.33
CA HIS A 117 16.90 -9.52 16.88
C HIS A 117 17.64 -8.61 15.92
N LYS A 118 16.90 -7.65 15.35
CA LYS A 118 17.50 -6.63 14.48
C LYS A 118 17.18 -5.29 15.11
N ARG A 119 18.14 -4.37 15.10
N ARG A 119 18.13 -4.36 15.10
CA ARG A 119 17.99 -3.13 15.83
CA ARG A 119 17.96 -3.11 15.83
C ARG A 119 16.90 -2.22 15.25
C ARG A 119 16.86 -2.25 15.24
N TYR A 120 16.78 -2.22 13.92
CA TYR A 120 15.86 -1.32 13.24
C TYR A 120 14.93 -2.06 12.30
N VAL A 121 13.65 -1.77 12.41
CA VAL A 121 12.65 -2.36 11.52
C VAL A 121 11.83 -1.21 10.97
N ILE A 122 11.70 -1.19 9.65
CA ILE A 122 10.92 -0.17 8.97
C ILE A 122 9.78 -0.92 8.29
N ALA A 123 8.56 -0.72 8.78
CA ALA A 123 7.39 -1.41 8.24
C ALA A 123 6.95 -0.70 6.95
N THR A 124 6.71 -1.48 5.90
CA THR A 124 6.44 -0.91 4.58
C THR A 124 5.08 -1.35 4.08
N SER A 125 4.69 -0.81 2.91
CA SER A 125 3.38 -1.07 2.35
C SER A 125 3.29 -2.40 1.61
N SER A 126 4.44 -3.06 1.40
CA SER A 126 4.45 -4.42 0.84
C SER A 126 5.86 -4.98 0.90
N GLY A 127 5.99 -6.28 0.66
CA GLY A 127 7.29 -6.93 0.55
C GLY A 127 8.05 -6.41 -0.65
N THR A 128 7.34 -6.20 -1.76
CA THR A 128 7.97 -5.66 -2.96
C THR A 128 8.62 -4.30 -2.67
N ASP A 129 7.88 -3.46 -1.96
CA ASP A 129 8.38 -2.14 -1.60
C ASP A 129 9.58 -2.24 -0.66
N ALA A 130 9.55 -3.21 0.25
CA ALA A 130 10.66 -3.43 1.15
C ALA A 130 11.96 -3.72 0.36
N ILE A 131 11.87 -4.57 -0.66
CA ILE A 131 13.06 -4.87 -1.45
C ILE A 131 13.52 -3.64 -2.22
N MET A 132 12.57 -2.95 -2.84
CA MET A 132 12.90 -1.78 -3.64
C MET A 132 13.55 -0.69 -2.80
N ILE A 133 12.95 -0.38 -1.65
CA ILE A 133 13.52 0.61 -0.75
C ILE A 133 14.88 0.16 -0.22
N GLY A 134 15.00 -1.11 0.15
CA GLY A 134 16.26 -1.60 0.69
C GLY A 134 17.40 -1.45 -0.31
N LEU A 135 17.14 -1.80 -1.57
CA LEU A 135 18.14 -1.62 -2.62
C LEU A 135 18.57 -0.17 -2.75
N LEU A 136 17.60 0.73 -2.81
CA LEU A 136 17.91 2.14 -2.94
C LEU A 136 18.65 2.68 -1.72
N ALA A 137 18.21 2.28 -0.52
CA ALA A 137 18.86 2.72 0.72
C ALA A 137 20.30 2.24 0.79
N LEU A 138 20.56 1.06 0.23
CA LEU A 138 21.90 0.50 0.17
C LEU A 138 22.77 1.17 -0.90
N GLY A 139 22.19 2.10 -1.64
CA GLY A 139 22.95 2.89 -2.59
C GLY A 139 22.88 2.42 -4.03
N LEU A 140 21.86 1.62 -4.37
CA LEU A 140 21.74 1.16 -5.76
C LEU A 140 21.61 2.32 -6.73
N ASN A 141 22.46 2.32 -7.75
CA ASN A 141 22.37 3.29 -8.85
C ASN A 141 21.96 2.58 -10.13
N PRO A 142 21.31 3.30 -11.07
CA PRO A 142 20.86 2.63 -12.29
C PRO A 142 22.01 1.92 -12.99
N GLY A 143 21.77 0.69 -13.43
CA GLY A 143 22.80 -0.11 -14.07
C GLY A 143 23.54 -1.06 -13.15
N ASP A 144 23.45 -0.84 -11.84
CA ASP A 144 24.10 -1.72 -10.88
C ASP A 144 23.52 -3.13 -11.02
N GLU A 145 24.39 -4.12 -10.99
CA GLU A 145 23.94 -5.50 -11.16
C GLU A 145 23.60 -6.15 -9.82
N VAL A 146 22.56 -6.97 -9.84
CA VAL A 146 22.08 -7.64 -8.64
C VAL A 146 21.98 -9.12 -8.95
N ILE A 147 22.83 -9.93 -8.34
CA ILE A 147 22.82 -11.37 -8.59
C ILE A 147 21.66 -12.00 -7.82
N MET A 148 20.86 -12.81 -8.51
CA MET A 148 19.64 -13.34 -7.90
C MET A 148 19.21 -14.60 -8.65
N PRO A 149 18.30 -15.38 -8.04
CA PRO A 149 17.75 -16.54 -8.76
C PRO A 149 16.62 -16.13 -9.72
N ALA A 150 16.31 -17.02 -10.65
CA ALA A 150 15.27 -16.76 -11.64
C ALA A 150 13.95 -17.45 -11.34
N ASN A 151 13.85 -18.09 -10.16
CA ASN A 151 12.65 -18.89 -9.85
C ASN A 151 11.80 -18.34 -8.72
N SER A 152 12.00 -17.06 -8.37
CA SER A 152 11.19 -16.44 -7.33
C SER A 152 9.88 -15.92 -7.92
N PHE A 153 9.00 -15.41 -7.07
CA PHE A 153 7.82 -14.69 -7.54
C PHE A 153 8.31 -13.42 -8.25
N SER A 154 7.54 -12.95 -9.23
CA SER A 154 8.01 -11.84 -10.07
C SER A 154 8.35 -10.58 -9.28
N ALA A 155 7.84 -10.48 -8.06
CA ALA A 155 8.09 -9.30 -7.24
C ALA A 155 9.56 -9.02 -6.99
N THR A 156 10.35 -10.09 -6.89
CA THR A 156 11.76 -9.94 -6.55
C THR A 156 12.47 -9.19 -7.70
N GLU A 157 12.33 -9.68 -8.92
CA GLU A 157 12.95 -9.03 -10.08
C GLU A 157 12.33 -7.65 -10.32
N ASN A 158 11.04 -7.51 -10.03
CA ASN A 158 10.40 -6.21 -10.25
C ASN A 158 10.96 -5.13 -9.35
N ALA A 159 11.26 -5.50 -8.11
CA ALA A 159 11.82 -4.54 -7.17
C ALA A 159 13.21 -4.09 -7.64
N VAL A 160 13.97 -5.01 -8.21
CA VAL A 160 15.26 -4.66 -8.78
C VAL A 160 15.09 -3.73 -9.98
N LEU A 161 14.26 -4.14 -10.93
CA LEU A 161 14.06 -3.37 -12.15
C LEU A 161 13.46 -1.99 -11.89
N ALA A 162 12.51 -1.92 -10.95
CA ALA A 162 11.86 -0.65 -10.61
C ALA A 162 12.86 0.31 -9.98
N SER A 163 13.84 -0.23 -9.26
N SER A 163 13.82 -0.26 -9.26
CA SER A 163 14.85 0.61 -8.60
CA SER A 163 14.88 0.51 -8.59
C SER A 163 15.93 1.06 -9.58
C SER A 163 15.89 1.06 -9.59
N GLY A 164 15.91 0.50 -10.80
CA GLY A 164 16.88 0.87 -11.82
C GLY A 164 18.02 -0.14 -11.97
N GLY A 165 17.96 -1.21 -11.19
CA GLY A 165 19.03 -2.21 -11.17
C GLY A 165 18.88 -3.22 -12.30
N VAL A 166 19.90 -4.06 -12.45
CA VAL A 166 19.96 -5.05 -13.51
C VAL A 166 20.06 -6.44 -12.91
N PRO A 167 18.98 -7.23 -13.01
CA PRO A 167 19.06 -8.59 -12.52
C PRO A 167 20.07 -9.43 -13.30
N ILE A 168 20.91 -10.14 -12.56
CA ILE A 168 21.83 -11.11 -13.14
C ILE A 168 21.49 -12.47 -12.56
N TYR A 169 20.89 -13.32 -13.37
CA TYR A 169 20.37 -14.57 -12.86
C TYR A 169 21.45 -15.64 -12.77
N VAL A 170 21.51 -16.31 -11.64
CA VAL A 170 22.37 -17.47 -11.47
C VAL A 170 21.57 -18.69 -11.03
N ASP A 171 22.13 -19.87 -11.26
CA ASP A 171 21.42 -21.13 -11.10
C ASP A 171 21.15 -21.43 -9.63
N ILE A 172 20.13 -22.23 -9.38
CA ILE A 172 19.78 -22.65 -8.02
C ILE A 172 20.38 -24.01 -7.70
N ASN A 173 20.40 -24.36 -6.42
CA ASN A 173 20.63 -25.73 -6.01
C ASN A 173 19.30 -26.44 -6.26
N PRO A 174 19.30 -27.52 -7.06
CA PRO A 174 18.02 -28.08 -7.52
C PRO A 174 17.30 -28.89 -6.45
N GLN A 175 17.96 -29.12 -5.32
CA GLN A 175 17.31 -29.76 -4.18
C GLN A 175 16.68 -28.77 -3.22
N THR A 176 17.36 -27.65 -2.99
CA THR A 176 16.89 -26.65 -2.03
C THR A 176 16.05 -25.57 -2.69
N PHE A 177 16.15 -25.46 -4.01
CA PHE A 177 15.51 -24.40 -4.81
C PHE A 177 16.04 -22.99 -4.53
N CYS A 178 17.11 -22.90 -3.74
CA CYS A 178 17.71 -21.61 -3.42
C CYS A 178 18.95 -21.37 -4.27
N ILE A 179 19.34 -20.10 -4.36
CA ILE A 179 20.49 -19.71 -5.16
C ILE A 179 21.73 -20.52 -4.81
N ASP A 180 22.42 -21.04 -5.82
CA ASP A 180 23.58 -21.90 -5.55
C ASP A 180 24.79 -21.02 -5.28
N PRO A 181 25.30 -21.02 -4.04
CA PRO A 181 26.39 -20.10 -3.74
C PRO A 181 27.61 -20.43 -4.59
N ASP A 182 27.71 -21.68 -5.00
CA ASP A 182 28.81 -22.09 -5.87
C ASP A 182 28.70 -21.55 -7.30
N LYS A 183 27.63 -20.83 -7.62
CA LYS A 183 27.45 -20.27 -8.97
C LYS A 183 27.50 -18.75 -8.96
N ILE A 184 27.63 -18.17 -7.78
CA ILE A 184 27.52 -16.72 -7.67
C ILE A 184 28.78 -16.04 -8.16
N GLU A 185 29.94 -16.56 -7.76
CA GLU A 185 31.19 -15.88 -8.05
C GLU A 185 31.42 -15.75 -9.57
N GLU A 186 31.07 -16.81 -10.30
CA GLU A 186 31.15 -16.80 -11.77
C GLU A 186 30.42 -15.58 -12.41
N ALA A 187 29.33 -15.12 -11.80
CA ALA A 187 28.51 -14.05 -12.39
C ALA A 187 28.97 -12.64 -12.01
N ILE A 188 29.95 -12.55 -11.12
CA ILE A 188 30.36 -11.22 -10.63
C ILE A 188 31.14 -10.48 -11.71
N THR A 189 30.83 -9.19 -11.89
CA THR A 189 31.48 -8.32 -12.88
C THR A 189 31.82 -7.04 -12.14
N PRO A 190 32.50 -6.10 -12.81
CA PRO A 190 32.73 -4.83 -12.09
C PRO A 190 31.44 -4.06 -11.79
N TYR A 191 30.33 -4.41 -12.45
CA TYR A 191 29.07 -3.74 -12.15
C TYR A 191 28.26 -4.36 -11.01
N THR A 192 28.68 -5.53 -10.52
CA THR A 192 27.94 -6.21 -9.47
C THR A 192 28.05 -5.42 -8.17
N LYS A 193 26.91 -5.13 -7.55
CA LYS A 193 26.92 -4.42 -6.28
C LYS A 193 26.17 -5.19 -5.22
N PHE A 194 25.27 -6.08 -5.63
CA PHE A 194 24.37 -6.77 -4.68
C PHE A 194 24.23 -8.26 -4.95
N ILE A 195 24.02 -9.02 -3.89
CA ILE A 195 23.49 -10.38 -4.00
C ILE A 195 22.12 -10.37 -3.32
N LEU A 196 21.12 -10.94 -4.00
CA LEU A 196 19.73 -10.94 -3.48
C LEU A 196 19.25 -12.39 -3.42
N PRO A 197 19.65 -13.11 -2.38
CA PRO A 197 19.15 -14.49 -2.20
C PRO A 197 17.69 -14.48 -1.80
N VAL A 198 16.97 -15.49 -2.22
CA VAL A 198 15.57 -15.65 -1.84
C VAL A 198 15.40 -16.91 -1.01
N HIS A 199 14.73 -16.80 0.13
CA HIS A 199 14.49 -17.99 0.94
C HIS A 199 13.22 -18.64 0.44
N LEU A 200 13.33 -19.27 -0.72
CA LEU A 200 12.16 -19.68 -1.48
C LEU A 200 11.44 -20.83 -0.81
N TYR A 201 10.10 -20.70 -0.79
CA TYR A 201 9.19 -21.67 -0.19
C TYR A 201 9.35 -21.74 1.33
N GLY A 202 10.21 -20.89 1.89
CA GLY A 202 10.48 -20.90 3.33
C GLY A 202 11.78 -21.58 3.70
N LYS A 203 12.53 -22.03 2.69
CA LYS A 203 13.83 -22.67 2.93
C LYS A 203 14.93 -21.61 3.01
N HIS A 204 15.78 -21.70 4.02
CA HIS A 204 16.86 -20.72 4.21
C HIS A 204 17.98 -20.97 3.19
N SER A 205 18.37 -19.92 2.47
CA SER A 205 19.51 -19.99 1.57
C SER A 205 20.79 -20.22 2.37
N ASP A 206 21.86 -20.60 1.69
CA ASP A 206 23.14 -20.83 2.37
C ASP A 206 23.83 -19.49 2.64
N MET A 207 23.35 -18.79 3.68
CA MET A 207 23.74 -17.40 3.87
C MET A 207 25.19 -17.21 4.29
N GLN A 208 25.73 -18.13 5.07
CA GLN A 208 27.14 -18.00 5.45
C GLN A 208 28.07 -18.01 4.23
N HIS A 209 27.80 -18.91 3.31
CA HIS A 209 28.61 -19.03 2.11
C HIS A 209 28.40 -17.80 1.22
N ILE A 210 27.16 -17.38 1.08
CA ILE A 210 26.85 -16.14 0.36
C ILE A 210 27.60 -14.94 0.96
N ARG A 211 27.61 -14.83 2.28
CA ARG A 211 28.31 -13.71 2.95
C ARG A 211 29.82 -13.79 2.71
N GLN A 212 30.38 -14.98 2.69
CA GLN A 212 31.81 -15.10 2.39
C GLN A 212 32.13 -14.55 1.01
N ILE A 213 31.31 -14.86 0.02
CA ILE A 213 31.50 -14.31 -1.32
C ILE A 213 31.30 -12.81 -1.33
N ALA A 214 30.23 -12.34 -0.70
CA ALA A 214 29.96 -10.90 -0.63
C ALA A 214 31.13 -10.14 0.01
N ASN A 215 31.69 -10.66 1.09
CA ASN A 215 32.81 -9.98 1.74
C ASN A 215 34.02 -9.92 0.83
N ARG A 216 34.29 -11.03 0.14
CA ARG A 216 35.44 -11.09 -0.77
C ARG A 216 35.34 -10.05 -1.87
N TYR A 217 34.12 -9.82 -2.37
CA TYR A 217 33.93 -8.92 -3.51
C TYR A 217 33.32 -7.58 -3.15
N LYS A 218 33.18 -7.32 -1.85
CA LYS A 218 32.66 -6.05 -1.35
C LYS A 218 31.27 -5.80 -1.91
N LEU A 219 30.44 -6.84 -1.88
CA LEU A 219 29.04 -6.72 -2.30
C LEU A 219 28.15 -6.57 -1.07
N LYS A 220 26.99 -5.95 -1.25
CA LYS A 220 25.97 -5.89 -0.21
C LYS A 220 25.00 -7.03 -0.40
N VAL A 221 24.44 -7.52 0.70
CA VAL A 221 23.52 -8.66 0.64
C VAL A 221 22.17 -8.19 1.16
N ILE A 222 21.17 -8.24 0.29
CA ILE A 222 19.82 -7.96 0.74
C ILE A 222 19.04 -9.23 0.52
N GLU A 223 18.46 -9.78 1.56
CA GLU A 223 17.82 -11.08 1.41
C GLU A 223 16.31 -10.91 1.32
N ASP A 224 15.71 -11.67 0.40
CA ASP A 224 14.27 -11.67 0.24
C ASP A 224 13.79 -12.80 1.12
N ALA A 225 13.31 -12.45 2.31
CA ALA A 225 12.80 -13.44 3.25
C ALA A 225 11.29 -13.29 3.31
N CYS A 226 10.70 -12.81 2.22
CA CYS A 226 9.25 -12.58 2.24
C CYS A 226 8.42 -13.83 2.56
N GLN A 227 8.98 -15.02 2.27
CA GLN A 227 8.29 -16.28 2.60
C GLN A 227 8.91 -16.99 3.80
N GLY A 228 9.84 -16.33 4.49
CA GLY A 228 10.66 -17.02 5.47
C GLY A 228 10.55 -16.58 6.92
N ILE A 229 9.51 -15.85 7.31
CA ILE A 229 9.41 -15.44 8.71
C ILE A 229 9.39 -16.66 9.64
N GLY A 230 10.21 -16.61 10.69
CA GLY A 230 10.34 -17.69 11.66
C GLY A 230 11.65 -18.44 11.52
N LEU A 231 12.37 -18.24 10.41
CA LEU A 231 13.65 -18.92 10.21
C LEU A 231 14.66 -18.53 11.29
N THR A 232 15.26 -19.53 11.91
CA THR A 232 16.31 -19.30 12.89
C THR A 232 17.49 -18.58 12.25
N ASP A 233 17.99 -17.55 12.95
CA ASP A 233 19.14 -16.76 12.50
C ASP A 233 18.85 -15.99 11.23
N LEU A 234 17.58 -15.69 10.98
CA LEU A 234 17.23 -14.87 9.83
C LEU A 234 17.94 -13.53 9.93
N GLY A 235 18.66 -13.15 8.88
CA GLY A 235 19.32 -11.86 8.86
C GLY A 235 20.72 -11.82 9.45
N LYS A 236 21.20 -12.94 9.98
CA LYS A 236 22.52 -12.97 10.62
C LYS A 236 23.62 -12.44 9.70
N TYR A 237 23.57 -12.86 8.45
CA TYR A 237 24.60 -12.50 7.49
C TYR A 237 24.16 -11.50 6.44
N ALA A 238 22.98 -10.90 6.61
CA ALA A 238 22.48 -9.94 5.62
C ALA A 238 22.63 -8.49 6.08
N ASP A 239 22.85 -7.58 5.13
CA ASP A 239 22.81 -6.15 5.46
C ASP A 239 21.38 -5.67 5.66
N ILE A 240 20.51 -6.13 4.78
CA ILE A 240 19.07 -5.89 4.90
C ILE A 240 18.28 -7.17 4.76
N THR A 241 17.26 -7.33 5.60
CA THR A 241 16.32 -8.44 5.48
C THR A 241 14.95 -7.87 5.09
N THR A 242 14.26 -8.49 4.14
CA THR A 242 12.92 -8.01 3.81
C THR A 242 11.88 -9.07 4.12
N LEU A 243 10.70 -8.61 4.57
CA LEU A 243 9.60 -9.49 4.90
C LEU A 243 8.37 -9.04 4.14
N SER A 244 7.45 -9.98 3.90
CA SER A 244 6.10 -9.66 3.43
C SER A 244 5.10 -10.08 4.47
N PHE A 245 4.06 -9.29 4.66
CA PHE A 245 2.94 -9.65 5.54
C PHE A 245 1.67 -9.73 4.72
N ASN A 246 1.84 -10.08 3.44
CA ASN A 246 0.69 -10.38 2.61
C ASN A 246 -0.15 -11.49 3.29
N PRO A 247 -1.47 -11.46 3.13
CA PRO A 247 -2.32 -12.40 3.88
C PRO A 247 -2.06 -13.88 3.63
N TYR A 248 -1.37 -14.25 2.56
CA TYR A 248 -1.09 -15.67 2.34
C TYR A 248 0.22 -16.10 2.99
N LYS A 249 0.96 -15.18 3.58
CA LYS A 249 2.27 -15.54 4.16
C LYS A 249 2.10 -16.27 5.50
N ASN A 250 3.19 -16.83 6.02
CA ASN A 250 3.11 -17.56 7.30
C ASN A 250 2.57 -16.68 8.41
N PHE A 251 2.89 -15.38 8.33
CA PHE A 251 2.28 -14.36 9.17
C PHE A 251 1.87 -13.24 8.22
N GLY A 252 0.60 -12.87 8.23
CA GLY A 252 0.14 -11.78 7.41
C GLY A 252 -0.86 -10.89 8.11
N VAL A 253 -1.16 -9.74 7.49
CA VAL A 253 -2.17 -8.83 8.00
C VAL A 253 -3.42 -8.96 7.13
N CYS A 254 -4.22 -7.90 7.03
CA CYS A 254 -5.43 -7.96 6.21
C CYS A 254 -5.36 -6.94 5.08
N GLY A 255 -4.27 -6.99 4.34
CA GLY A 255 -4.02 -6.09 3.24
C GLY A 255 -2.54 -6.24 2.89
N LYS A 256 -2.01 -5.33 2.09
CA LYS A 256 -0.58 -5.40 1.78
C LYS A 256 0.26 -4.74 2.89
N ALA A 257 1.41 -5.35 3.19
CA ALA A 257 2.38 -4.78 4.11
C ALA A 257 3.66 -5.59 4.03
N GLY A 258 4.76 -5.03 4.52
CA GLY A 258 6.01 -5.76 4.63
C GLY A 258 6.95 -5.07 5.60
N ALA A 259 8.22 -5.46 5.62
CA ALA A 259 9.16 -4.77 6.49
C ALA A 259 10.57 -4.89 6.02
N ILE A 260 11.39 -3.92 6.42
CA ILE A 260 12.83 -3.97 6.24
C ILE A 260 13.44 -4.08 7.63
N ALA A 261 14.41 -4.97 7.80
CA ALA A 261 15.09 -5.07 9.10
C ALA A 261 16.58 -4.92 8.89
N THR A 262 17.23 -4.15 9.75
CA THR A 262 18.68 -3.98 9.62
C THR A 262 19.26 -3.63 10.98
N ASP A 263 20.55 -3.92 11.16
CA ASP A 263 21.26 -3.48 12.35
C ASP A 263 21.95 -2.13 12.15
N ASN A 264 21.99 -1.66 10.91
CA ASN A 264 22.77 -0.46 10.62
C ASN A 264 21.94 0.80 10.70
N GLU A 265 22.30 1.71 11.61
CA GLU A 265 21.51 2.92 11.83
C GLU A 265 21.44 3.85 10.63
N GLU A 266 22.56 4.10 9.96
CA GLU A 266 22.52 5.01 8.81
C GLU A 266 21.67 4.39 7.71
N LEU A 267 21.76 3.08 7.56
CA LEU A 267 20.99 2.38 6.53
C LEU A 267 19.50 2.46 6.87
N ALA A 268 19.16 2.25 8.15
CA ALA A 268 17.79 2.39 8.61
C ALA A 268 17.22 3.77 8.31
N LYS A 269 18.01 4.81 8.57
CA LYS A 269 17.57 6.18 8.33
C LYS A 269 17.26 6.38 6.85
N LYS A 270 18.12 5.85 5.98
CA LYS A 270 17.90 5.98 4.56
C LYS A 270 16.63 5.22 4.14
N CYS A 271 16.38 4.07 4.75
CA CYS A 271 15.15 3.32 4.47
C CYS A 271 13.92 4.14 4.85
N ILE A 272 13.95 4.77 6.02
CA ILE A 272 12.82 5.59 6.43
C ILE A 272 12.61 6.73 5.46
N GLN A 273 13.71 7.36 5.02
CA GLN A 273 13.60 8.49 4.07
C GLN A 273 12.99 8.03 2.75
N PHE A 274 13.47 6.92 2.21
CA PHE A 274 12.91 6.40 0.96
C PHE A 274 11.45 5.92 1.11
N SER A 275 11.09 5.45 2.30
CA SER A 275 9.75 4.91 2.54
C SER A 275 8.71 6.01 2.66
N TYR A 276 9.18 7.23 2.90
CA TYR A 276 8.25 8.33 3.11
C TYR A 276 8.71 9.64 2.46
N HIS A 277 8.61 9.67 1.13
CA HIS A 277 8.71 10.90 0.34
C HIS A 277 10.07 11.59 0.31
N GLY A 278 11.07 10.93 0.90
CA GLY A 278 12.40 11.52 0.94
C GLY A 278 12.52 12.51 2.09
N PHE A 279 11.53 12.52 2.98
CA PHE A 279 11.52 13.48 4.07
C PHE A 279 12.55 13.15 5.14
N GLU A 280 13.07 14.19 5.79
CA GLU A 280 13.82 14.00 7.03
C GLU A 280 12.98 13.12 7.98
N VAL A 281 13.63 12.20 8.68
CA VAL A 281 12.91 11.32 9.60
C VAL A 281 12.07 12.12 10.60
N ASN A 282 10.77 11.84 10.64
CA ASN A 282 9.85 12.52 11.56
C ASN A 282 9.69 14.03 11.35
N VAL A 283 10.13 14.54 10.20
CA VAL A 283 9.87 15.94 9.86
C VAL A 283 9.18 16.01 8.51
N LYS A 284 7.85 16.03 8.53
CA LYS A 284 7.07 15.99 7.29
C LYS A 284 7.36 17.21 6.43
N ASN A 285 7.32 17.01 5.11
CA ASN A 285 7.37 18.06 4.09
C ASN A 285 8.77 18.61 3.82
N LYS A 286 9.76 18.16 4.60
CA LYS A 286 11.13 18.59 4.41
C LYS A 286 11.96 17.47 3.78
N LYS A 287 12.24 17.57 2.48
CA LYS A 287 13.02 16.53 1.81
C LYS A 287 14.50 16.66 2.08
N VAL A 288 15.17 15.53 2.28
CA VAL A 288 16.62 15.52 2.49
C VAL A 288 17.31 14.60 1.49
N ILE A 289 16.52 13.83 0.74
CA ILE A 289 17.04 13.10 -0.42
C ILE A 289 16.23 13.45 -1.65
N ASN A 290 16.73 13.09 -2.84
CA ASN A 290 16.12 13.55 -4.10
C ASN A 290 14.62 13.23 -4.19
N PHE A 291 14.27 12.01 -3.81
CA PHE A 291 12.87 11.61 -3.79
C PHE A 291 12.65 10.41 -2.88
N GLY A 292 11.39 10.13 -2.61
CA GLY A 292 11.05 8.92 -1.87
C GLY A 292 9.69 8.45 -2.31
N PHE A 293 9.20 7.38 -1.70
CA PHE A 293 7.91 6.81 -2.07
C PHE A 293 6.89 7.05 -0.99
N ASN A 294 5.64 6.65 -1.24
CA ASN A 294 4.64 6.62 -0.20
C ASN A 294 4.43 5.18 0.21
N SER A 295 5.36 4.65 1.00
CA SER A 295 5.40 3.21 1.18
C SER A 295 5.62 2.73 2.60
N LYS A 296 5.17 3.50 3.59
CA LYS A 296 5.09 2.97 4.96
C LYS A 296 3.91 2.03 5.10
N MET A 297 3.98 1.11 6.04
CA MET A 297 2.80 0.31 6.39
C MET A 297 1.74 1.22 7.00
N ASP A 298 0.47 0.87 6.81
CA ASP A 298 -0.62 1.62 7.44
C ASP A 298 -0.77 1.24 8.92
N ASN A 299 -1.06 2.24 9.75
CA ASN A 299 -1.34 2.05 11.17
C ASN A 299 -2.44 1.02 11.39
N LEU A 300 -3.47 1.06 10.56
CA LEU A 300 -4.58 0.12 10.70
C LEU A 300 -4.06 -1.32 10.55
N GLN A 301 -3.19 -1.53 9.57
CA GLN A 301 -2.66 -2.87 9.35
C GLN A 301 -1.70 -3.29 10.44
N ALA A 302 -0.95 -2.34 11.00
CA ALA A 302 -0.07 -2.66 12.13
C ALA A 302 -0.89 -3.09 13.33
N ALA A 303 -2.03 -2.46 13.56
CA ALA A 303 -2.90 -2.89 14.65
C ALA A 303 -3.39 -4.31 14.42
N ILE A 304 -3.75 -4.61 13.17
CA ILE A 304 -4.21 -5.95 12.83
C ILE A 304 -3.06 -6.94 12.99
N GLY A 305 -1.87 -6.52 12.58
CA GLY A 305 -0.68 -7.35 12.66
C GLY A 305 -0.35 -7.74 14.09
N LEU A 306 -0.58 -6.81 15.01
CA LEU A 306 -0.29 -7.08 16.41
C LEU A 306 -1.25 -8.13 16.95
N GLU A 307 -2.41 -8.29 16.31
CA GLU A 307 -3.33 -9.36 16.70
C GLU A 307 -2.95 -10.66 16.03
N ARG A 308 -2.76 -10.63 14.72
CA ARG A 308 -2.54 -11.89 13.99
C ARG A 308 -1.21 -12.52 14.36
N MET A 309 -0.26 -11.71 14.82
CA MET A 309 1.05 -12.22 15.18
C MET A 309 0.98 -13.16 16.36
N LYS A 310 -0.10 -13.06 17.15
CA LYS A 310 -0.24 -13.91 18.33
C LYS A 310 -0.37 -15.38 17.95
N TYR A 311 -0.66 -15.63 16.68
CA TYR A 311 -0.88 -16.97 16.16
C TYR A 311 0.35 -17.55 15.45
N LEU A 312 1.40 -16.76 15.30
CA LEU A 312 2.53 -17.15 14.44
C LEU A 312 3.33 -18.39 14.88
N SER A 313 3.76 -18.43 16.13
CA SER A 313 4.51 -19.61 16.58
C SER A 313 3.70 -20.89 16.43
N LEU A 314 2.44 -20.84 16.86
CA LEU A 314 1.57 -22.02 16.75
C LEU A 314 1.40 -22.41 15.28
N ASN A 315 1.15 -21.42 14.44
CA ASN A 315 0.93 -21.70 13.02
C ASN A 315 2.16 -22.27 12.34
N ASN A 316 3.32 -21.73 12.67
CA ASN A 316 4.55 -22.26 12.07
C ASN A 316 4.79 -23.67 12.57
N PHE A 317 4.46 -23.94 13.83
CA PHE A 317 4.59 -25.30 14.32
C PHE A 317 3.66 -26.25 13.55
N LYS A 318 2.43 -25.81 13.31
CA LYS A 318 1.48 -26.67 12.60
C LYS A 318 1.98 -26.95 11.18
N ARG A 319 2.55 -25.94 10.53
CA ARG A 319 3.16 -26.15 9.22
C ARG A 319 4.25 -27.20 9.26
N LEU A 320 5.10 -27.13 10.29
CA LEU A 320 6.18 -28.11 10.42
C LEU A 320 5.60 -29.52 10.61
N PHE A 321 4.56 -29.63 11.44
CA PHE A 321 3.94 -30.94 11.68
C PHE A 321 3.43 -31.51 10.37
N LEU A 322 2.76 -30.66 9.59
CA LEU A 322 2.26 -31.08 8.28
C LEU A 322 3.39 -31.53 7.36
N ALA A 323 4.49 -30.76 7.33
CA ALA A 323 5.60 -31.10 6.45
C ALA A 323 6.22 -32.43 6.87
N ASP A 324 6.39 -32.60 8.18
CA ASP A 324 6.96 -33.84 8.73
C ASP A 324 6.07 -35.03 8.35
N ARG A 325 4.76 -34.81 8.37
CA ARG A 325 3.80 -35.89 8.09
C ARG A 325 3.86 -36.30 6.61
N TYR A 326 3.94 -35.30 5.72
CA TYR A 326 4.16 -35.59 4.30
C TYR A 326 5.45 -36.36 4.09
N ILE A 327 6.52 -35.91 4.72
CA ILE A 327 7.84 -36.49 4.44
C ILE A 327 7.90 -37.93 4.92
N THR A 328 7.33 -38.17 6.09
CA THR A 328 7.30 -39.53 6.63
C THR A 328 6.35 -40.44 5.83
N GLN A 329 5.13 -39.99 5.59
CA GLN A 329 4.13 -40.89 5.03
C GLN A 329 4.30 -41.12 3.52
N LEU A 330 4.98 -40.20 2.83
CA LEU A 330 5.25 -40.37 1.41
C LEU A 330 6.61 -41.03 1.16
N ALA A 331 7.29 -41.39 2.24
CA ALA A 331 8.67 -41.91 2.16
C ALA A 331 8.90 -42.97 1.09
N GLU A 332 7.98 -43.93 1.00
CA GLU A 332 8.16 -45.05 0.08
C GLU A 332 8.29 -44.57 -1.35
N LEU A 333 7.54 -43.53 -1.72
CA LEU A 333 7.59 -43.03 -3.10
C LEU A 333 8.96 -42.47 -3.43
N GLN A 334 9.64 -41.93 -2.42
CA GLN A 334 11.00 -41.44 -2.63
C GLN A 334 12.01 -42.57 -2.57
N ASN A 335 11.82 -43.51 -1.64
CA ASN A 335 12.72 -44.66 -1.53
C ASN A 335 12.80 -45.47 -2.83
N LYS A 336 11.70 -45.51 -3.56
CA LYS A 336 11.63 -46.25 -4.82
C LYS A 336 11.95 -45.37 -6.02
N GLY A 337 12.35 -44.13 -5.75
CA GLY A 337 12.83 -43.23 -6.78
C GLY A 337 11.75 -42.60 -7.64
N TYR A 338 10.50 -42.63 -7.19
CA TYR A 338 9.42 -42.05 -7.99
C TYR A 338 9.28 -40.53 -7.80
N ILE A 339 9.60 -40.04 -6.61
CA ILE A 339 9.54 -38.60 -6.34
C ILE A 339 10.74 -38.19 -5.51
N GLU A 340 10.98 -36.87 -5.42
CA GLU A 340 11.91 -36.35 -4.41
C GLU A 340 11.10 -35.62 -3.36
N LEU A 341 11.41 -35.85 -2.09
CA LEU A 341 10.75 -35.13 -1.00
C LEU A 341 11.75 -34.13 -0.44
N PRO A 342 11.23 -33.02 0.12
CA PRO A 342 12.19 -32.13 0.77
C PRO A 342 12.78 -32.76 2.04
N GLU A 343 13.93 -32.27 2.45
CA GLU A 343 14.58 -32.74 3.67
C GLU A 343 13.90 -32.11 4.89
N LEU A 344 13.71 -32.90 5.94
CA LEU A 344 13.14 -32.35 7.16
C LEU A 344 14.26 -31.61 7.87
N SER A 345 14.46 -30.34 7.51
CA SER A 345 15.59 -29.60 8.05
C SER A 345 15.13 -28.49 8.99
N GLU A 346 16.06 -28.04 9.84
CA GLU A 346 15.75 -27.03 10.84
C GLU A 346 15.69 -25.63 10.23
N ASP A 347 16.13 -25.49 8.98
CA ASP A 347 16.21 -24.19 8.35
C ASP A 347 15.11 -24.01 7.29
N HIS A 348 13.88 -24.35 7.66
CA HIS A 348 12.75 -24.27 6.73
C HIS A 348 11.52 -23.89 7.57
N VAL A 349 10.67 -23.00 7.06
CA VAL A 349 9.43 -22.69 7.76
C VAL A 349 8.18 -23.13 7.00
N TRP A 350 8.39 -23.83 5.88
CA TRP A 350 7.31 -24.55 5.22
C TRP A 350 6.19 -23.64 4.79
N HIS A 351 6.54 -22.56 4.10
CA HIS A 351 5.52 -21.72 3.51
C HIS A 351 4.82 -22.46 2.36
N LEU A 352 5.62 -23.15 1.54
CA LEU A 352 5.12 -24.02 0.48
C LEU A 352 5.83 -25.35 0.63
N PHE A 353 5.21 -26.43 0.14
CA PHE A 353 5.77 -27.77 0.31
C PHE A 353 6.02 -28.39 -1.06
N PRO A 354 7.27 -28.36 -1.51
CA PRO A 354 7.58 -28.85 -2.86
C PRO A 354 8.08 -30.27 -2.87
N ILE A 355 7.49 -31.08 -3.75
CA ILE A 355 8.10 -32.37 -4.08
C ILE A 355 8.56 -32.26 -5.53
N LYS A 356 9.35 -33.22 -5.99
CA LYS A 356 9.67 -33.24 -7.43
C LYS A 356 9.18 -34.55 -8.02
N VAL A 357 8.55 -34.46 -9.20
CA VAL A 357 8.09 -35.64 -9.91
C VAL A 357 8.79 -35.65 -11.27
N ARG A 358 8.61 -36.69 -12.06
CA ARG A 358 9.21 -36.71 -13.38
C ARG A 358 8.65 -35.59 -14.27
N THR A 359 9.54 -34.93 -15.01
CA THR A 359 9.12 -33.85 -15.90
C THR A 359 7.99 -34.28 -16.84
N GLU A 360 8.14 -35.49 -17.37
CA GLU A 360 7.25 -36.00 -18.41
C GLU A 360 5.89 -36.40 -17.83
N ASP A 361 5.82 -36.54 -16.51
CA ASP A 361 4.60 -37.01 -15.84
C ASP A 361 3.82 -35.95 -15.07
N ARG A 362 4.42 -34.78 -14.83
CA ARG A 362 3.82 -33.81 -13.91
C ARG A 362 2.42 -33.33 -14.32
N ALA A 363 2.26 -32.92 -15.58
CA ALA A 363 0.96 -32.46 -16.03
C ALA A 363 -0.12 -33.52 -15.83
N ASP A 364 0.22 -34.78 -16.14
CA ASP A 364 -0.74 -35.87 -15.96
C ASP A 364 -1.01 -36.16 -14.49
N ILE A 365 0.03 -36.08 -13.66
CA ILE A 365 -0.14 -36.28 -12.22
C ILE A 365 -1.10 -35.24 -11.66
N MET A 366 -0.92 -33.98 -12.05
CA MET A 366 -1.79 -32.91 -11.57
C MET A 366 -3.21 -33.08 -12.02
N THR A 367 -3.38 -33.47 -13.28
CA THR A 367 -4.71 -33.67 -13.84
C THR A 367 -5.44 -34.84 -13.17
N LYS A 368 -4.74 -35.95 -12.97
CA LYS A 368 -5.36 -37.12 -12.37
C LYS A 368 -5.69 -36.88 -10.91
N LEU A 369 -4.80 -36.22 -10.18
CA LEU A 369 -5.11 -35.88 -8.79
C LEU A 369 -6.40 -35.09 -8.69
N ASN A 370 -6.55 -34.12 -9.58
CA ASN A 370 -7.73 -33.27 -9.57
C ASN A 370 -8.98 -33.99 -10.06
N GLU A 371 -8.87 -34.63 -11.23
CA GLU A 371 -10.03 -35.31 -11.83
C GLU A 371 -10.49 -36.53 -11.04
N ASP A 372 -9.54 -37.37 -10.61
CA ASP A 372 -9.90 -38.63 -9.98
C ASP A 372 -10.16 -38.47 -8.50
N PHE A 373 -9.51 -37.51 -7.86
CA PHE A 373 -9.63 -37.41 -6.41
C PHE A 373 -9.97 -36.04 -5.85
N GLY A 374 -10.12 -35.05 -6.73
CA GLY A 374 -10.50 -33.72 -6.30
C GLY A 374 -9.37 -33.03 -5.54
N VAL A 375 -8.16 -33.53 -5.71
CA VAL A 375 -6.99 -32.97 -5.03
C VAL A 375 -6.31 -31.92 -5.89
N GLN A 376 -6.30 -30.67 -5.44
CA GLN A 376 -5.67 -29.57 -6.19
C GLN A 376 -4.23 -29.35 -5.74
N THR A 377 -3.34 -29.28 -6.72
CA THR A 377 -1.93 -29.00 -6.47
C THR A 377 -1.60 -27.76 -7.30
N ASP A 378 -0.37 -27.28 -7.19
CA ASP A 378 -0.01 -26.07 -7.92
C ASP A 378 1.49 -26.05 -8.14
N VAL A 379 1.93 -25.11 -8.98
CA VAL A 379 3.36 -24.94 -9.23
C VAL A 379 3.72 -23.47 -9.03
N TYR A 380 4.39 -23.15 -7.93
CA TYR A 380 4.87 -21.79 -7.68
C TYR A 380 6.32 -21.74 -8.16
N TYR A 381 6.63 -21.06 -9.27
CA TYR A 381 5.74 -20.22 -10.07
C TYR A 381 5.84 -20.73 -11.51
N PRO A 382 4.85 -20.38 -12.36
CA PRO A 382 4.78 -21.06 -13.66
C PRO A 382 5.83 -20.65 -14.71
N ILE A 383 6.39 -19.45 -14.61
CA ILE A 383 7.33 -18.97 -15.63
C ILE A 383 8.57 -18.44 -14.93
N LEU A 384 9.74 -18.91 -15.35
CA LEU A 384 11.01 -18.43 -14.79
C LEU A 384 11.34 -17.03 -15.32
N SER A 385 12.09 -16.25 -14.57
CA SER A 385 12.38 -14.85 -14.92
C SER A 385 12.93 -14.66 -16.34
N HIS A 386 13.88 -15.49 -16.73
CA HIS A 386 14.55 -15.34 -18.02
C HIS A 386 13.72 -15.91 -19.17
N MET A 387 12.51 -16.37 -18.86
CA MET A 387 11.62 -16.95 -19.87
C MET A 387 10.31 -16.17 -19.98
N GLN A 388 10.24 -15.05 -19.29
CA GLN A 388 9.06 -14.19 -19.39
C GLN A 388 9.04 -13.52 -20.77
N LYS A 389 7.86 -13.36 -21.35
CA LYS A 389 7.79 -12.81 -22.71
C LYS A 389 7.67 -11.29 -22.69
N THR A 390 8.78 -10.63 -22.38
CA THR A 390 8.81 -9.18 -22.28
C THR A 390 9.90 -8.66 -23.22
N PRO A 391 9.83 -7.38 -23.59
CA PRO A 391 10.89 -6.83 -24.44
C PRO A 391 12.28 -6.95 -23.79
N LEU A 392 12.37 -6.69 -22.49
CA LEU A 392 13.64 -6.82 -21.78
C LEU A 392 14.24 -8.23 -21.94
N VAL A 393 13.42 -9.24 -21.71
CA VAL A 393 13.93 -10.61 -21.77
C VAL A 393 14.34 -10.94 -23.19
N GLN A 394 13.50 -10.58 -24.15
CA GLN A 394 13.80 -10.84 -25.56
C GLN A 394 15.08 -10.14 -25.98
N ASP A 395 15.26 -8.91 -25.53
CA ASP A 395 16.39 -8.08 -25.98
C ASP A 395 17.71 -8.37 -25.26
N LYS A 396 17.64 -8.76 -23.99
CA LYS A 396 18.84 -8.79 -23.17
C LYS A 396 19.17 -10.13 -22.52
N TYR A 397 18.18 -10.99 -22.37
CA TYR A 397 18.38 -12.23 -21.63
C TYR A 397 18.36 -13.45 -22.55
N ALA A 398 18.53 -13.20 -23.85
CA ALA A 398 18.65 -14.27 -24.85
C ALA A 398 20.01 -14.98 -24.77
N GLY A 399 19.99 -16.31 -24.85
CA GLY A 399 21.21 -17.07 -24.71
C GLY A 399 21.49 -17.51 -23.28
N LEU A 400 20.69 -17.04 -22.33
CA LEU A 400 20.87 -17.42 -20.93
C LEU A 400 20.31 -18.82 -20.71
N GLN A 401 21.13 -19.71 -20.16
CA GLN A 401 20.63 -21.03 -19.79
C GLN A 401 20.95 -21.27 -18.33
N LEU A 402 19.94 -21.72 -17.58
CA LEU A 402 20.13 -22.00 -16.18
C LEU A 402 19.68 -23.44 -16.04
N VAL A 403 20.61 -24.38 -16.23
CA VAL A 403 20.26 -25.79 -16.39
C VAL A 403 19.49 -26.37 -15.22
N HIS A 404 19.98 -26.11 -14.01
CA HIS A 404 19.36 -26.70 -12.82
C HIS A 404 18.03 -26.04 -12.49
N THR A 405 17.96 -24.72 -12.66
CA THR A 405 16.73 -24.00 -12.41
C THR A 405 15.65 -24.50 -13.37
N GLU A 406 16.01 -24.64 -14.64
CA GLU A 406 15.04 -25.08 -15.63
C GLU A 406 14.55 -26.51 -15.39
N LYS A 407 15.48 -27.40 -15.04
CA LYS A 407 15.11 -28.78 -14.78
C LYS A 407 14.23 -28.87 -13.52
N ALA A 408 14.64 -28.21 -12.45
CA ALA A 408 13.85 -28.27 -11.20
C ALA A 408 12.48 -27.64 -11.42
N HIS A 409 12.45 -26.57 -12.19
CA HIS A 409 11.20 -25.88 -12.52
C HIS A 409 10.19 -26.79 -13.21
N SER A 410 10.68 -27.73 -14.01
CA SER A 410 9.82 -28.66 -14.74
C SER A 410 9.36 -29.84 -13.89
N GLN A 411 9.99 -30.01 -12.73
CA GLN A 411 9.70 -31.17 -11.89
C GLN A 411 8.88 -30.84 -10.66
N VAL A 412 8.95 -29.59 -10.22
CA VAL A 412 8.44 -29.25 -8.89
C VAL A 412 6.93 -29.29 -8.86
N LEU A 413 6.39 -29.78 -7.74
CA LEU A 413 4.95 -29.83 -7.54
C LEU A 413 4.68 -29.48 -6.09
N HIS A 414 3.81 -28.52 -5.86
CA HIS A 414 3.48 -28.11 -4.50
C HIS A 414 2.20 -28.78 -4.01
N LEU A 415 2.27 -29.33 -2.80
CA LEU A 415 1.14 -30.00 -2.17
C LEU A 415 0.49 -29.05 -1.18
N PRO A 416 -0.82 -29.18 -0.95
CA PRO A 416 -1.49 -28.26 -0.01
C PRO A 416 -0.82 -28.26 1.37
N LEU A 417 -0.56 -27.07 1.92
CA LEU A 417 0.03 -26.97 3.26
C LEU A 417 -0.23 -25.55 3.81
N TYR A 418 -1.03 -25.47 4.86
CA TYR A 418 -1.25 -24.18 5.51
C TYR A 418 -1.76 -24.54 6.90
N PRO A 419 -1.68 -23.61 7.86
CA PRO A 419 -1.92 -24.07 9.25
C PRO A 419 -3.31 -24.65 9.53
N SER A 420 -4.35 -24.15 8.87
CA SER A 420 -5.70 -24.68 9.10
C SER A 420 -6.08 -25.88 8.23
N PHE A 421 -5.10 -26.40 7.50
CA PHE A 421 -5.31 -27.60 6.69
C PHE A 421 -5.61 -28.76 7.64
N THR A 422 -6.48 -29.68 7.24
CA THR A 422 -6.80 -30.79 8.14
C THR A 422 -5.98 -32.01 7.78
N LEU A 423 -5.76 -32.88 8.77
CA LEU A 423 -4.98 -34.08 8.50
C LEU A 423 -5.76 -35.05 7.63
N GLU A 424 -7.09 -35.05 7.76
CA GLU A 424 -7.89 -35.91 6.89
C GLU A 424 -7.84 -35.47 5.41
N GLU A 425 -7.77 -34.17 5.15
CA GLU A 425 -7.49 -33.73 3.79
C GLU A 425 -6.09 -34.16 3.36
N GLN A 426 -5.12 -34.03 4.26
CA GLN A 426 -3.76 -34.43 3.93
C GLN A 426 -3.71 -35.93 3.61
N ASP A 427 -4.46 -36.74 4.36
CA ASP A 427 -4.58 -38.17 4.05
C ASP A 427 -4.99 -38.39 2.60
N ARG A 428 -5.98 -37.63 2.14
CA ARG A 428 -6.46 -37.81 0.77
C ARG A 428 -5.43 -37.39 -0.26
N VAL A 429 -4.71 -36.29 0.02
CA VAL A 429 -3.64 -35.87 -0.88
C VAL A 429 -2.62 -36.99 -1.04
N MET A 430 -2.25 -37.59 0.08
CA MET A 430 -1.19 -38.58 0.08
C MET A 430 -1.63 -39.89 -0.56
N GLU A 431 -2.83 -40.35 -0.25
N GLU A 431 -2.84 -40.34 -0.25
CA GLU A 431 -3.35 -41.56 -0.85
CA GLU A 431 -3.36 -41.55 -0.85
C GLU A 431 -3.54 -41.38 -2.35
C GLU A 431 -3.53 -41.37 -2.36
N GLY A 432 -4.02 -40.20 -2.75
CA GLY A 432 -4.18 -39.87 -4.17
C GLY A 432 -2.84 -39.90 -4.87
N LEU A 433 -1.81 -39.34 -4.22
CA LEU A 433 -0.49 -39.33 -4.82
C LEU A 433 0.04 -40.74 -5.00
N PHE A 434 -0.14 -41.60 -3.99
CA PHE A 434 0.27 -42.99 -4.10
C PHE A 434 -0.43 -43.66 -5.28
N HIS A 435 -1.75 -43.46 -5.37
CA HIS A 435 -2.52 -44.09 -6.44
C HIS A 435 -2.12 -43.57 -7.82
N VAL A 436 -2.04 -42.25 -7.98
CA VAL A 436 -1.70 -41.65 -9.27
C VAL A 436 -0.28 -41.99 -9.74
N ILE A 437 0.69 -41.93 -8.84
CA ILE A 437 2.08 -42.18 -9.23
C ILE A 437 2.29 -43.64 -9.67
N LYS A 438 1.61 -44.56 -9.01
CA LYS A 438 1.73 -45.96 -9.39
C LYS A 438 1.02 -46.22 -10.71
N GLN A 439 0.10 -45.33 -11.06
CA GLN A 439 -0.53 -45.33 -12.38
C GLN A 439 0.46 -44.79 -13.43
N GLU A 440 1.30 -43.84 -13.02
CA GLU A 440 2.27 -43.20 -13.92
C GLU A 440 3.41 -44.12 -14.33
N ILE A 441 3.86 -44.93 -13.38
CA ILE A 441 5.01 -45.79 -13.55
C ILE A 441 4.63 -47.10 -14.23
N GLY A 442 3.34 -47.41 -14.22
CA GLY A 442 2.85 -48.66 -14.79
C GLY A 442 2.87 -49.78 -13.77
N MET B 3 -45.71 24.20 -13.74
CA MET B 3 -44.61 23.35 -14.20
C MET B 3 -43.37 23.47 -13.32
N GLN B 4 -43.02 22.36 -12.66
CA GLN B 4 -41.94 22.37 -11.68
C GLN B 4 -40.54 22.20 -12.27
N LYS B 5 -39.67 23.16 -12.01
CA LYS B 5 -38.27 22.97 -12.32
C LYS B 5 -37.67 22.07 -11.22
N GLN B 6 -36.77 21.19 -11.63
CA GLN B 6 -36.13 20.27 -10.69
C GLN B 6 -34.77 20.79 -10.29
N VAL B 7 -34.38 20.54 -9.05
CA VAL B 7 -33.04 20.83 -8.58
C VAL B 7 -32.37 19.47 -8.44
N LYS B 8 -31.52 19.13 -9.40
CA LYS B 8 -30.87 17.82 -9.38
C LYS B 8 -29.67 17.85 -8.44
N ILE B 9 -29.60 16.87 -7.54
CA ILE B 9 -28.50 16.77 -6.60
C ILE B 9 -27.59 15.62 -7.03
N SER B 10 -26.41 16.00 -7.54
CA SER B 10 -25.44 15.04 -8.07
C SER B 10 -24.29 14.90 -7.08
N GLY B 11 -24.15 15.92 -6.23
CA GLY B 11 -23.03 15.98 -5.30
C GLY B 11 -21.77 16.59 -5.92
N LYS B 12 -21.82 16.92 -7.21
CA LYS B 12 -20.64 17.48 -7.90
C LYS B 12 -20.60 18.98 -7.63
N SER B 13 -19.46 19.61 -7.88
CA SER B 13 -19.27 20.97 -7.38
C SER B 13 -20.25 21.99 -7.96
N LYS B 14 -20.53 21.90 -9.25
CA LYS B 14 -21.43 22.85 -9.89
C LYS B 14 -22.84 22.73 -9.34
N GLU B 15 -23.33 21.50 -9.21
CA GLU B 15 -24.67 21.30 -8.67
C GLU B 15 -24.75 21.66 -7.19
N ASN B 16 -23.66 21.44 -6.44
CA ASN B 16 -23.66 21.84 -5.03
C ASN B 16 -23.84 23.35 -4.87
N MET B 17 -23.21 24.10 -5.75
CA MET B 17 -23.32 25.55 -5.70
C MET B 17 -24.75 25.97 -6.00
N SER B 18 -25.37 25.30 -6.97
CA SER B 18 -26.78 25.55 -7.28
C SER B 18 -27.69 25.21 -6.08
N LEU B 19 -27.44 24.09 -5.43
CA LEU B 19 -28.23 23.70 -4.27
C LEU B 19 -28.05 24.73 -3.14
N LEU B 20 -26.80 25.18 -2.95
CA LEU B 20 -26.53 26.16 -1.91
C LEU B 20 -27.40 27.39 -2.12
N LYS B 21 -27.35 27.95 -3.33
CA LYS B 21 -28.15 29.13 -3.66
C LYS B 21 -29.65 28.88 -3.44
N HIS B 22 -30.12 27.74 -3.92
CA HIS B 22 -31.52 27.35 -3.75
C HIS B 22 -31.93 27.35 -2.28
N LEU B 23 -31.14 26.68 -1.45
CA LEU B 23 -31.45 26.53 -0.03
C LEU B 23 -31.31 27.84 0.77
N LYS B 24 -30.55 28.79 0.27
CA LYS B 24 -30.41 30.09 0.93
C LYS B 24 -31.57 31.03 0.57
N GLY B 25 -32.64 30.47 0.00
CA GLY B 25 -33.81 31.25 -0.35
C GLY B 25 -33.72 31.94 -1.70
N ASP B 26 -32.69 31.60 -2.48
CA ASP B 26 -32.64 32.01 -3.89
C ASP B 26 -32.97 30.78 -4.73
N VAL B 27 -34.26 30.47 -4.81
CA VAL B 27 -34.71 29.16 -5.30
C VAL B 27 -34.41 28.91 -6.79
N GLN B 28 -33.81 27.76 -7.05
CA GLN B 28 -33.37 27.38 -8.39
C GLN B 28 -34.42 26.54 -9.10
N GLY B 29 -35.53 26.30 -8.42
CA GLY B 29 -36.57 25.42 -8.92
C GLY B 29 -37.46 24.96 -7.78
N LYS B 30 -38.22 23.89 -8.01
CA LYS B 30 -39.20 23.44 -7.03
C LYS B 30 -38.80 22.13 -6.38
N GLU B 31 -38.61 21.10 -7.18
CA GLU B 31 -38.53 19.74 -6.66
C GLU B 31 -37.10 19.30 -6.49
N LEU B 32 -36.75 18.89 -5.28
CA LEU B 32 -35.42 18.33 -5.01
C LEU B 32 -35.36 16.91 -5.55
N VAL B 33 -34.40 16.66 -6.42
CA VAL B 33 -34.24 15.33 -7.01
C VAL B 33 -32.84 14.82 -6.71
N ILE B 34 -32.74 13.84 -5.80
CA ILE B 34 -31.45 13.25 -5.47
C ILE B 34 -31.11 12.15 -6.47
N GLU B 35 -30.02 12.32 -7.21
CA GLU B 35 -29.62 11.31 -8.18
C GLU B 35 -29.33 10.00 -7.45
N ASP B 36 -29.69 8.89 -8.07
CA ASP B 36 -29.62 7.59 -7.39
C ASP B 36 -28.21 7.05 -7.53
N SER B 37 -27.28 7.70 -6.82
CA SER B 37 -25.87 7.36 -6.85
C SER B 37 -25.40 6.97 -5.45
N ILE B 38 -24.36 6.16 -5.37
CA ILE B 38 -23.83 5.78 -4.07
C ILE B 38 -23.39 7.00 -3.25
N VAL B 39 -22.83 8.00 -3.93
CA VAL B 39 -22.28 9.17 -3.25
C VAL B 39 -23.35 9.99 -2.53
N ASN B 40 -24.62 9.79 -2.92
CA ASN B 40 -25.72 10.57 -2.36
C ASN B 40 -26.44 9.87 -1.23
N GLU B 41 -26.02 8.66 -0.88
CA GLU B 41 -26.82 7.85 0.03
C GLU B 41 -27.07 8.51 1.38
N ARG B 42 -26.03 9.06 1.99
CA ARG B 42 -26.22 9.68 3.30
C ARG B 42 -26.98 11.01 3.24
N TRP B 43 -26.93 11.70 2.10
CA TRP B 43 -27.74 12.89 1.84
C TRP B 43 -29.20 12.58 2.12
N LYS B 44 -29.63 11.39 1.72
CA LYS B 44 -31.02 10.99 1.84
C LYS B 44 -31.55 11.00 3.26
N GLN B 45 -30.65 10.83 4.23
CA GLN B 45 -31.06 10.84 5.63
C GLN B 45 -31.33 12.25 6.15
N VAL B 46 -30.74 13.27 5.53
CA VAL B 46 -30.88 14.61 6.09
C VAL B 46 -31.49 15.64 5.14
N LEU B 47 -31.53 15.33 3.85
CA LEU B 47 -32.05 16.32 2.90
C LEU B 47 -33.57 16.32 2.88
N LYS B 48 -34.18 17.39 3.41
CA LYS B 48 -35.64 17.51 3.41
C LYS B 48 -36.00 18.82 2.73
N GLU B 49 -37.26 18.94 2.32
CA GLU B 49 -37.72 20.15 1.63
C GLU B 49 -37.37 21.45 2.37
N LYS B 50 -37.67 21.52 3.66
CA LYS B 50 -37.47 22.77 4.39
C LYS B 50 -36.23 22.74 5.28
N ILE B 51 -35.16 22.13 4.77
CA ILE B 51 -33.92 21.97 5.52
C ILE B 51 -33.38 23.30 6.06
N ASP B 52 -33.01 23.30 7.34
CA ASP B 52 -32.27 24.39 7.94
C ASP B 52 -30.83 23.92 8.01
N ILE B 53 -29.96 24.43 7.14
CA ILE B 53 -28.60 23.87 7.03
C ILE B 53 -27.85 23.92 8.35
N GLU B 54 -27.86 25.09 9.00
CA GLU B 54 -27.16 25.28 10.26
C GLU B 54 -27.57 24.27 11.32
N HIS B 55 -28.87 24.02 11.43
CA HIS B 55 -29.36 23.08 12.43
C HIS B 55 -29.30 21.63 11.95
N ASP B 56 -29.84 21.38 10.76
CA ASP B 56 -29.99 20.01 10.26
C ASP B 56 -28.69 19.33 9.85
N LEU B 57 -27.74 20.11 9.32
CA LEU B 57 -26.47 19.54 8.87
C LEU B 57 -25.33 19.75 9.85
N PHE B 58 -25.34 20.88 10.57
CA PHE B 58 -24.23 21.20 11.45
C PHE B 58 -24.57 21.13 12.93
N ASN B 59 -25.85 20.99 13.25
CA ASN B 59 -26.29 21.01 14.65
C ASN B 59 -25.64 22.17 15.41
N TYR B 60 -25.81 23.37 14.85
CA TYR B 60 -25.19 24.60 15.33
C TYR B 60 -25.56 24.81 16.79
N GLN B 61 -24.53 24.92 17.64
CA GLN B 61 -24.69 25.17 19.06
C GLN B 61 -23.86 26.40 19.40
N LYS B 62 -24.47 27.54 19.12
CA LYS B 62 -23.85 28.85 19.22
C LYS B 62 -23.15 29.10 20.56
N ASN B 63 -23.71 28.54 21.62
CA ASN B 63 -23.22 28.80 22.96
C ASN B 63 -22.32 27.69 23.52
N ARG B 64 -21.95 26.73 22.68
CA ARG B 64 -21.13 25.64 23.18
C ARG B 64 -19.76 26.14 23.60
N GLU B 65 -19.29 25.67 24.75
CA GLU B 65 -18.02 26.10 25.33
C GLU B 65 -16.85 25.56 24.53
N ILE B 66 -16.01 26.45 24.01
CA ILE B 66 -14.85 26.06 23.21
C ILE B 66 -13.63 26.84 23.66
N SER B 67 -12.54 26.14 23.97
CA SER B 67 -11.29 26.81 24.30
C SER B 67 -10.20 26.55 23.26
N LYS B 68 -10.38 25.48 22.47
CA LYS B 68 -9.42 25.12 21.42
C LYS B 68 -10.13 24.85 20.10
N VAL B 69 -9.52 25.29 18.99
CA VAL B 69 -9.98 24.86 17.68
C VAL B 69 -8.81 24.24 16.92
N PRO B 70 -8.70 22.91 16.94
CA PRO B 70 -7.61 22.26 16.21
C PRO B 70 -7.84 22.44 14.71
N PHE B 71 -6.76 22.46 13.94
CA PHE B 71 -6.89 22.63 12.51
C PHE B 71 -7.51 21.41 11.84
N LEU B 72 -7.06 20.22 12.23
CA LEU B 72 -7.52 19.00 11.59
C LEU B 72 -7.42 17.80 12.52
N PRO B 73 -8.36 17.70 13.47
CA PRO B 73 -8.37 16.58 14.41
C PRO B 73 -8.77 15.29 13.70
N VAL B 74 -7.84 14.37 13.48
CA VAL B 74 -8.16 13.25 12.59
C VAL B 74 -9.26 12.34 13.12
N ASP B 75 -9.46 12.34 14.44
CA ASP B 75 -10.54 11.53 15.02
C ASP B 75 -11.91 12.05 14.58
N ARG B 76 -11.97 13.29 14.13
CA ARG B 76 -13.24 13.87 13.72
C ARG B 76 -13.50 13.76 12.21
N LEU B 77 -12.50 13.27 11.48
CA LEU B 77 -12.62 13.08 10.04
C LEU B 77 -13.39 11.81 9.71
N ILE B 78 -13.63 10.98 10.72
CA ILE B 78 -14.46 9.80 10.56
C ILE B 78 -15.55 9.85 11.62
N THR B 79 -16.81 9.75 11.19
CA THR B 79 -17.94 9.86 12.11
C THR B 79 -18.32 8.54 12.77
N ASN B 80 -19.11 8.61 13.84
CA ASN B 80 -19.63 7.38 14.46
C ASN B 80 -20.39 6.51 13.46
N ASP B 81 -21.18 7.13 12.60
CA ASP B 81 -21.97 6.39 11.60
C ASP B 81 -21.08 5.69 10.58
N GLU B 82 -19.98 6.32 10.19
CA GLU B 82 -19.02 5.68 9.30
C GLU B 82 -18.40 4.46 9.96
N VAL B 83 -17.98 4.62 11.20
CA VAL B 83 -17.40 3.52 11.96
C VAL B 83 -18.37 2.35 12.01
N GLU B 84 -19.65 2.64 12.30
CA GLU B 84 -20.65 1.56 12.34
C GLU B 84 -20.76 0.85 10.99
N ASP B 85 -20.84 1.62 9.90
CA ASP B 85 -20.94 1.03 8.57
C ASP B 85 -19.71 0.19 8.26
N ILE B 86 -18.55 0.66 8.69
CA ILE B 86 -17.30 -0.03 8.38
C ILE B 86 -17.18 -1.34 9.16
N LEU B 87 -17.52 -1.30 10.46
CA LEU B 87 -17.51 -2.52 11.25
C LEU B 87 -18.49 -3.53 10.68
N ASN B 88 -19.66 -3.07 10.24
CA ASN B 88 -20.64 -3.98 9.64
C ASN B 88 -20.11 -4.63 8.35
N THR B 89 -19.45 -3.87 7.50
N THR B 89 -19.44 -3.88 7.50
CA THR B 89 -18.95 -4.45 6.26
CA THR B 89 -18.93 -4.46 6.28
C THR B 89 -17.77 -5.40 6.53
C THR B 89 -17.79 -5.43 6.57
N LEU B 90 -16.93 -5.05 7.51
CA LEU B 90 -15.76 -5.86 7.84
C LEU B 90 -16.19 -7.17 8.49
N THR B 91 -17.34 -7.16 9.16
CA THR B 91 -17.87 -8.39 9.74
C THR B 91 -18.11 -9.43 8.64
N GLU B 92 -18.46 -8.94 7.44
CA GLU B 92 -18.66 -9.83 6.28
C GLU B 92 -17.39 -10.07 5.47
N VAL B 93 -16.53 -9.06 5.36
CA VAL B 93 -15.31 -9.21 4.56
C VAL B 93 -14.28 -10.11 5.22
N LEU B 94 -14.05 -9.90 6.51
CA LEU B 94 -12.96 -10.61 7.19
C LEU B 94 -13.00 -12.13 7.04
N PRO B 95 -14.18 -12.76 7.22
CA PRO B 95 -14.21 -14.23 7.10
C PRO B 95 -13.97 -14.74 5.69
N THR B 96 -14.08 -13.88 4.67
CA THR B 96 -13.83 -14.32 3.30
C THR B 96 -12.35 -14.58 3.09
N GLY B 97 -11.52 -13.95 3.92
CA GLY B 97 -10.09 -14.08 3.78
C GLY B 97 -9.52 -13.33 2.59
N LYS B 98 -10.36 -12.56 1.88
CA LYS B 98 -9.92 -11.80 0.71
C LYS B 98 -9.66 -10.34 1.02
N PHE B 99 -8.38 -9.98 1.13
CA PHE B 99 -8.02 -8.67 1.66
C PHE B 99 -7.23 -7.85 0.66
N THR B 100 -6.54 -8.54 -0.24
CA THR B 100 -5.77 -7.86 -1.29
C THR B 100 -6.56 -7.97 -2.60
N SER B 101 -6.46 -9.09 -3.29
N SER B 101 -6.46 -9.10 -3.27
CA SER B 101 -7.34 -9.34 -4.42
CA SER B 101 -7.34 -9.38 -4.41
C SER B 101 -8.73 -9.65 -3.89
C SER B 101 -8.75 -9.62 -3.85
N GLY B 102 -9.76 -9.27 -4.63
CA GLY B 102 -11.12 -9.57 -4.20
C GLY B 102 -12.19 -8.83 -4.96
N PRO B 103 -13.45 -9.19 -4.71
CA PRO B 103 -14.60 -8.72 -5.50
C PRO B 103 -15.01 -7.27 -5.24
N TYR B 104 -14.71 -6.72 -4.07
CA TYR B 104 -15.07 -5.33 -3.81
C TYR B 104 -14.24 -4.38 -4.66
N LEU B 105 -13.04 -4.81 -5.07
CA LEU B 105 -12.20 -3.99 -5.93
C LEU B 105 -12.92 -3.59 -7.21
N GLU B 106 -13.47 -4.58 -7.92
CA GLU B 106 -14.10 -4.30 -9.20
C GLU B 106 -15.35 -3.47 -9.00
N GLN B 107 -16.07 -3.73 -7.91
CA GLN B 107 -17.27 -2.98 -7.61
C GLN B 107 -16.94 -1.51 -7.33
N PHE B 108 -15.88 -1.29 -6.55
CA PHE B 108 -15.41 0.06 -6.23
C PHE B 108 -14.96 0.79 -7.47
N GLU B 109 -14.20 0.10 -8.33
CA GLU B 109 -13.78 0.70 -9.59
C GLU B 109 -14.98 1.06 -10.48
N LYS B 110 -15.99 0.17 -10.50
CA LYS B 110 -17.17 0.41 -11.31
C LYS B 110 -17.96 1.63 -10.81
N VAL B 111 -18.12 1.75 -9.49
CA VAL B 111 -18.87 2.92 -8.99
C VAL B 111 -18.10 4.21 -9.25
N LEU B 112 -16.79 4.17 -9.13
CA LEU B 112 -15.97 5.34 -9.46
C LEU B 112 -16.08 5.70 -10.93
N SER B 113 -16.15 4.67 -11.77
CA SER B 113 -16.25 4.88 -13.20
C SER B 113 -17.54 5.64 -13.53
N THR B 114 -18.63 5.23 -12.88
CA THR B 114 -19.93 5.87 -13.07
C THR B 114 -19.91 7.31 -12.54
N TYR B 115 -19.36 7.49 -11.35
CA TYR B 115 -19.27 8.82 -10.74
C TYR B 115 -18.44 9.81 -11.56
N LEU B 116 -17.27 9.36 -12.02
CA LEU B 116 -16.36 10.22 -12.76
C LEU B 116 -16.67 10.34 -14.24
N HIS B 117 -17.60 9.53 -14.75
CA HIS B 117 -17.84 9.42 -16.19
C HIS B 117 -16.56 9.11 -16.95
N LYS B 118 -15.79 8.16 -16.41
CA LYS B 118 -14.58 7.68 -17.08
C LYS B 118 -14.78 6.20 -17.30
N ARG B 119 -14.41 5.72 -18.48
N ARG B 119 -14.42 5.72 -18.49
CA ARG B 119 -14.66 4.34 -18.85
CA ARG B 119 -14.68 4.33 -18.84
C ARG B 119 -13.91 3.35 -17.98
C ARG B 119 -13.90 3.33 -17.99
N TYR B 120 -12.67 3.68 -17.65
CA TYR B 120 -11.78 2.76 -16.94
C TYR B 120 -11.23 3.39 -15.67
N VAL B 121 -11.30 2.63 -14.58
CA VAL B 121 -10.75 3.10 -13.33
C VAL B 121 -9.90 1.97 -12.78
N ILE B 122 -8.66 2.32 -12.45
CA ILE B 122 -7.71 1.38 -11.86
C ILE B 122 -7.45 1.88 -10.44
N ALA B 123 -7.92 1.13 -9.44
CA ALA B 123 -7.75 1.53 -8.06
C ALA B 123 -6.35 1.11 -7.61
N THR B 124 -5.61 2.03 -7.00
CA THR B 124 -4.19 1.82 -6.70
C THR B 124 -3.94 1.90 -5.19
N SER B 125 -2.69 1.64 -4.79
CA SER B 125 -2.35 1.60 -3.38
C SER B 125 -2.14 2.99 -2.75
N SER B 126 -2.09 4.04 -3.56
CA SER B 126 -2.03 5.42 -3.06
C SER B 126 -2.18 6.39 -4.23
N GLY B 127 -2.38 7.67 -3.93
CA GLY B 127 -2.41 8.67 -4.99
C GLY B 127 -1.05 8.83 -5.64
N THR B 128 0.00 8.71 -4.83
CA THR B 128 1.36 8.80 -5.34
C THR B 128 1.60 7.73 -6.38
N ASP B 129 1.19 6.50 -6.07
CA ASP B 129 1.31 5.41 -7.02
C ASP B 129 0.45 5.60 -8.26
N ALA B 130 -0.74 6.18 -8.11
CA ALA B 130 -1.56 6.49 -9.27
C ALA B 130 -0.82 7.39 -10.26
N ILE B 131 -0.18 8.43 -9.74
CA ILE B 131 0.54 9.35 -10.60
C ILE B 131 1.75 8.67 -11.26
N MET B 132 2.49 7.89 -10.49
CA MET B 132 3.67 7.20 -10.99
C MET B 132 3.30 6.21 -12.08
N ILE B 133 2.28 5.40 -11.81
CA ILE B 133 1.82 4.39 -12.77
C ILE B 133 1.26 5.08 -14.03
N GLY B 134 0.49 6.15 -13.84
CA GLY B 134 -0.07 6.89 -14.95
C GLY B 134 1.01 7.43 -15.89
N LEU B 135 2.06 8.01 -15.31
CA LEU B 135 3.18 8.51 -16.11
C LEU B 135 3.84 7.39 -16.90
N LEU B 136 4.10 6.26 -16.24
CA LEU B 136 4.74 5.14 -16.92
C LEU B 136 3.85 4.57 -18.04
N ALA B 137 2.56 4.46 -17.77
CA ALA B 137 1.60 3.94 -18.74
C ALA B 137 1.49 4.88 -19.93
N LEU B 138 1.64 6.18 -19.70
CA LEU B 138 1.61 7.17 -20.79
C LEU B 138 2.92 7.18 -21.58
N GLY B 139 3.90 6.40 -21.12
CA GLY B 139 5.12 6.20 -21.86
C GLY B 139 6.31 6.99 -21.35
N LEU B 140 6.28 7.41 -20.09
CA LEU B 140 7.43 8.15 -19.56
C LEU B 140 8.70 7.28 -19.55
N ASN B 141 9.75 7.83 -20.14
CA ASN B 141 11.07 7.22 -20.09
C ASN B 141 11.99 8.10 -19.26
N PRO B 142 13.05 7.51 -18.68
CA PRO B 142 13.99 8.28 -17.88
C PRO B 142 14.50 9.52 -18.62
N GLY B 143 14.44 10.67 -17.97
CA GLY B 143 14.88 11.90 -18.59
C GLY B 143 13.78 12.72 -19.24
N ASP B 144 12.62 12.11 -19.49
CA ASP B 144 11.47 12.86 -20.04
C ASP B 144 11.04 13.95 -19.06
N GLU B 145 10.70 15.12 -19.57
CA GLU B 145 10.36 16.27 -18.72
C GLU B 145 8.87 16.37 -18.53
N VAL B 146 8.49 16.77 -17.33
CA VAL B 146 7.10 16.90 -16.92
C VAL B 146 6.93 18.28 -16.37
N ILE B 147 6.12 19.10 -17.04
CA ILE B 147 5.90 20.47 -16.60
C ILE B 147 4.85 20.46 -15.50
N MET B 148 5.17 21.09 -14.37
CA MET B 148 4.30 21.02 -13.19
C MET B 148 4.57 22.22 -12.25
N PRO B 149 3.64 22.49 -11.31
CA PRO B 149 3.89 23.56 -10.34
C PRO B 149 4.84 23.11 -9.24
N ALA B 150 5.34 24.06 -8.46
CA ALA B 150 6.29 23.78 -7.40
C ALA B 150 5.67 23.86 -6.01
N ASN B 151 4.35 24.07 -5.93
CA ASN B 151 3.70 24.28 -4.63
C ASN B 151 2.77 23.15 -4.20
N SER B 152 2.95 21.97 -4.79
CA SER B 152 2.13 20.82 -4.44
C SER B 152 2.77 20.08 -3.27
N PHE B 153 2.07 19.10 -2.73
CA PHE B 153 2.64 18.19 -1.76
C PHE B 153 3.80 17.48 -2.47
N SER B 154 4.82 17.08 -1.71
CA SER B 154 6.00 16.46 -2.30
C SER B 154 5.69 15.22 -3.12
N ALA B 155 4.57 14.56 -2.84
CA ALA B 155 4.22 13.37 -3.59
C ALA B 155 4.15 13.59 -5.11
N THR B 156 3.73 14.76 -5.54
CA THR B 156 3.58 14.99 -6.97
C THR B 156 4.93 14.85 -7.67
N GLU B 157 5.93 15.60 -7.20
CA GLU B 157 7.26 15.52 -7.80
C GLU B 157 7.88 14.14 -7.58
N ASN B 158 7.57 13.54 -6.44
CA ASN B 158 8.14 12.24 -6.13
C ASN B 158 7.69 11.18 -7.13
N ALA B 159 6.44 11.25 -7.56
CA ALA B 159 5.95 10.27 -8.54
C ALA B 159 6.69 10.43 -9.87
N VAL B 160 7.02 11.66 -10.21
CA VAL B 160 7.76 11.91 -11.45
C VAL B 160 9.17 11.37 -11.30
N LEU B 161 9.81 11.75 -10.20
CA LEU B 161 11.21 11.43 -9.98
C LEU B 161 11.45 9.94 -9.81
N ALA B 162 10.50 9.25 -9.20
CA ALA B 162 10.68 7.82 -8.92
C ALA B 162 10.72 7.01 -10.20
N SER B 163 9.94 7.44 -11.20
CA SER B 163 9.86 6.66 -12.43
C SER B 163 10.79 7.17 -13.52
N GLY B 164 11.78 7.98 -13.14
CA GLY B 164 12.82 8.42 -14.06
C GLY B 164 12.63 9.79 -14.68
N GLY B 165 11.52 10.45 -14.33
CA GLY B 165 11.15 11.71 -14.96
C GLY B 165 11.86 12.92 -14.38
N VAL B 166 11.77 14.03 -15.11
CA VAL B 166 12.41 15.27 -14.73
C VAL B 166 11.39 16.39 -14.58
N PRO B 167 11.10 16.77 -13.33
CA PRO B 167 10.19 17.90 -13.11
C PRO B 167 10.75 19.19 -13.71
N ILE B 168 9.87 19.93 -14.38
CA ILE B 168 10.22 21.26 -14.85
C ILE B 168 9.19 22.20 -14.25
N TYR B 169 9.62 23.03 -13.30
CA TYR B 169 8.66 23.82 -12.53
C TYR B 169 8.36 25.13 -13.24
N VAL B 170 7.08 25.46 -13.34
CA VAL B 170 6.65 26.75 -13.86
C VAL B 170 5.73 27.45 -12.85
N ASP B 171 5.60 28.77 -13.02
CA ASP B 171 4.93 29.60 -12.02
C ASP B 171 3.43 29.34 -11.96
N ILE B 172 2.81 29.73 -10.86
CA ILE B 172 1.36 29.60 -10.69
C ILE B 172 0.63 30.92 -10.91
N ASN B 173 -0.69 30.84 -11.01
CA ASN B 173 -1.55 32.01 -10.89
C ASN B 173 -1.63 32.28 -9.39
N PRO B 174 -1.24 33.48 -8.94
CA PRO B 174 -1.17 33.64 -7.47
C PRO B 174 -2.52 33.79 -6.79
N GLN B 175 -3.61 33.89 -7.55
CA GLN B 175 -4.95 33.92 -6.97
C GLN B 175 -5.55 32.53 -6.79
N THR B 176 -5.32 31.67 -7.79
CA THR B 176 -5.91 30.34 -7.78
C THR B 176 -4.98 29.28 -7.18
N PHE B 177 -3.69 29.62 -7.06
CA PHE B 177 -2.63 28.69 -6.63
C PHE B 177 -2.35 27.54 -7.61
N CYS B 178 -2.96 27.61 -8.78
CA CYS B 178 -2.80 26.55 -9.79
C CYS B 178 -1.84 26.99 -10.88
N ILE B 179 -1.27 26.00 -11.56
CA ILE B 179 -0.27 26.23 -12.60
C ILE B 179 -0.78 27.28 -13.61
N ASP B 180 0.07 28.25 -13.94
CA ASP B 180 -0.34 29.31 -14.86
C ASP B 180 -0.14 28.82 -16.29
N PRO B 181 -1.24 28.61 -17.04
CA PRO B 181 -1.09 28.04 -18.39
C PRO B 181 -0.26 28.95 -19.28
N ASP B 182 -0.26 30.24 -18.99
CA ASP B 182 0.52 31.19 -19.78
C ASP B 182 2.04 31.10 -19.54
N LYS B 183 2.47 30.26 -18.60
CA LYS B 183 3.90 30.06 -18.34
C LYS B 183 4.40 28.71 -18.86
N ILE B 184 3.50 27.93 -19.42
CA ILE B 184 3.84 26.56 -19.83
C ILE B 184 4.66 26.48 -21.12
N GLU B 185 4.20 27.16 -22.17
CA GLU B 185 4.84 27.05 -23.48
C GLU B 185 6.34 27.39 -23.44
N GLU B 186 6.69 28.43 -22.68
CA GLU B 186 8.09 28.85 -22.64
C GLU B 186 9.00 27.81 -22.00
N ALA B 187 8.43 26.86 -21.29
CA ALA B 187 9.24 25.84 -20.60
C ALA B 187 9.36 24.55 -21.39
N ILE B 188 8.65 24.47 -22.53
CA ILE B 188 8.65 23.25 -23.33
C ILE B 188 9.98 23.09 -24.07
N THR B 189 10.56 21.89 -24.01
CA THR B 189 11.82 21.58 -24.68
C THR B 189 11.58 20.31 -25.51
N PRO B 190 12.56 19.88 -26.33
CA PRO B 190 12.39 18.63 -27.05
C PRO B 190 12.26 17.40 -26.13
N TYR B 191 12.53 17.60 -24.84
CA TYR B 191 12.45 16.50 -23.87
C TYR B 191 11.15 16.49 -23.07
N THR B 192 10.33 17.53 -23.24
CA THR B 192 9.03 17.59 -22.58
C THR B 192 8.05 16.60 -23.19
N LYS B 193 7.41 15.79 -22.34
N LYS B 193 7.43 15.77 -22.35
CA LYS B 193 6.38 14.89 -22.83
CA LYS B 193 6.38 14.88 -22.84
C LYS B 193 5.05 15.04 -22.09
C LYS B 193 5.05 15.05 -22.11
N PHE B 194 5.07 15.71 -20.94
CA PHE B 194 3.88 15.78 -20.09
C PHE B 194 3.63 17.14 -19.47
N ILE B 195 2.35 17.42 -19.22
CA ILE B 195 1.96 18.50 -18.32
C ILE B 195 1.23 17.82 -17.16
N LEU B 196 1.56 18.21 -15.93
CA LEU B 196 0.96 17.62 -14.73
C LEU B 196 0.40 18.76 -13.89
N PRO B 197 -0.80 19.24 -14.25
CA PRO B 197 -1.43 20.27 -13.42
C PRO B 197 -1.93 19.67 -12.13
N VAL B 198 -2.00 20.47 -11.07
CA VAL B 198 -2.48 20.00 -9.78
C VAL B 198 -3.69 20.83 -9.40
N HIS B 199 -4.79 20.17 -9.05
CA HIS B 199 -5.96 20.91 -8.58
C HIS B 199 -5.80 21.22 -7.10
N LEU B 200 -4.88 22.14 -6.82
CA LEU B 200 -4.40 22.38 -5.46
C LEU B 200 -5.48 22.96 -4.56
N TYR B 201 -5.57 22.38 -3.35
CA TYR B 201 -6.54 22.75 -2.33
C TYR B 201 -7.98 22.40 -2.72
N GLY B 202 -8.16 21.75 -3.88
CA GLY B 202 -9.51 21.43 -4.36
C GLY B 202 -9.99 22.37 -5.47
N LYS B 203 -9.15 23.31 -5.88
CA LYS B 203 -9.47 24.26 -6.94
C LYS B 203 -9.12 23.68 -8.30
N HIS B 204 -10.05 23.75 -9.25
CA HIS B 204 -9.82 23.23 -10.60
C HIS B 204 -8.84 24.11 -11.39
N SER B 205 -7.77 23.51 -11.88
CA SER B 205 -6.83 24.19 -12.79
C SER B 205 -7.55 24.59 -14.09
N ASP B 206 -6.92 25.47 -14.87
CA ASP B 206 -7.52 25.91 -16.14
C ASP B 206 -7.29 24.85 -17.21
N MET B 207 -8.07 23.77 -17.13
CA MET B 207 -7.79 22.59 -17.95
C MET B 207 -8.03 22.78 -19.45
N GLN B 208 -9.03 23.57 -19.82
CA GLN B 208 -9.24 23.78 -21.25
C GLN B 208 -8.03 24.45 -21.91
N HIS B 209 -7.46 25.46 -21.26
CA HIS B 209 -6.29 26.16 -21.78
C HIS B 209 -5.05 25.24 -21.79
N ILE B 210 -4.90 24.44 -20.73
CA ILE B 210 -3.78 23.49 -20.67
C ILE B 210 -3.89 22.48 -21.80
N ARG B 211 -5.11 22.07 -22.12
CA ARG B 211 -5.32 21.10 -23.18
C ARG B 211 -4.98 21.71 -24.55
N GLN B 212 -5.37 22.97 -24.74
CA GLN B 212 -5.03 23.67 -25.98
C GLN B 212 -3.52 23.64 -26.20
N ILE B 213 -2.76 23.94 -25.16
CA ILE B 213 -1.31 23.94 -25.26
C ILE B 213 -0.77 22.55 -25.52
N ALA B 214 -1.28 21.58 -24.76
CA ALA B 214 -0.88 20.19 -24.93
C ALA B 214 -1.09 19.67 -26.35
N ASN B 215 -2.23 20.02 -26.95
CA ASN B 215 -2.53 19.54 -28.28
C ASN B 215 -1.58 20.17 -29.30
N ARG B 216 -1.26 21.44 -29.07
N ARG B 216 -1.26 21.44 -29.07
CA ARG B 216 -0.37 22.20 -29.94
CA ARG B 216 -0.37 22.20 -29.95
C ARG B 216 1.04 21.61 -29.96
C ARG B 216 1.05 21.62 -29.96
N TYR B 217 1.49 21.15 -28.79
CA TYR B 217 2.85 20.61 -28.66
C TYR B 217 2.90 19.10 -28.55
N LYS B 218 1.77 18.43 -28.80
CA LYS B 218 1.68 16.98 -28.74
C LYS B 218 2.15 16.44 -27.39
N LEU B 219 1.68 17.05 -26.32
CA LEU B 219 2.04 16.61 -24.98
C LEU B 219 0.91 15.80 -24.36
N LYS B 220 1.24 14.95 -23.39
CA LYS B 220 0.21 14.23 -22.65
C LYS B 220 -0.14 15.02 -21.39
N VAL B 221 -1.41 14.94 -20.98
CA VAL B 221 -1.87 15.64 -19.77
C VAL B 221 -2.29 14.62 -18.72
N ILE B 222 -1.56 14.59 -17.62
CA ILE B 222 -2.00 13.78 -16.49
C ILE B 222 -2.30 14.74 -15.35
N GLU B 223 -3.52 14.71 -14.84
CA GLU B 223 -3.87 15.69 -13.81
C GLU B 223 -3.79 15.08 -12.42
N ASP B 224 -3.21 15.82 -11.48
CA ASP B 224 -3.19 15.42 -10.09
C ASP B 224 -4.44 16.01 -9.45
N ALA B 225 -5.47 15.17 -9.34
CA ALA B 225 -6.72 15.60 -8.75
C ALA B 225 -6.86 14.94 -7.40
N CYS B 226 -5.73 14.68 -6.76
CA CYS B 226 -5.75 13.96 -5.49
C CYS B 226 -6.54 14.71 -4.41
N GLN B 227 -6.65 16.03 -4.56
CA GLN B 227 -7.42 16.83 -3.61
C GLN B 227 -8.75 17.29 -4.19
N GLY B 228 -9.08 16.82 -5.39
CA GLY B 228 -10.18 17.42 -6.14
C GLY B 228 -11.42 16.58 -6.41
N ILE B 229 -11.60 15.47 -5.70
CA ILE B 229 -12.77 14.64 -5.99
C ILE B 229 -14.09 15.42 -5.79
N GLY B 230 -14.98 15.31 -6.78
CA GLY B 230 -16.23 16.05 -6.73
C GLY B 230 -16.28 17.21 -7.71
N LEU B 231 -15.13 17.61 -8.26
CA LEU B 231 -15.14 18.72 -9.23
C LEU B 231 -15.95 18.36 -10.45
N THR B 232 -16.87 19.25 -10.84
CA THR B 232 -17.56 19.12 -12.11
C THR B 232 -16.59 19.08 -13.29
N ASP B 233 -16.83 18.13 -14.21
CA ASP B 233 -16.04 17.96 -15.42
C ASP B 233 -14.60 17.56 -15.13
N LEU B 234 -14.36 16.97 -13.96
CA LEU B 234 -13.03 16.44 -13.68
C LEU B 234 -12.63 15.44 -14.75
N GLY B 235 -11.46 15.63 -15.36
CA GLY B 235 -10.97 14.68 -16.34
C GLY B 235 -11.38 14.95 -17.77
N LYS B 236 -12.21 15.96 -17.98
CA LYS B 236 -12.71 16.25 -19.32
C LYS B 236 -11.60 16.43 -20.36
N TYR B 237 -10.54 17.14 -19.97
CA TYR B 237 -9.45 17.45 -20.89
C TYR B 237 -8.13 16.74 -20.58
N ALA B 238 -8.19 15.76 -19.68
CA ALA B 238 -6.98 15.02 -19.26
C ALA B 238 -6.93 13.65 -19.93
N ASP B 239 -5.73 13.15 -20.20
CA ASP B 239 -5.57 11.79 -20.66
C ASP B 239 -5.73 10.81 -19.50
N ILE B 240 -5.15 11.18 -18.36
CA ILE B 240 -5.29 10.40 -17.12
C ILE B 240 -5.65 11.35 -15.99
N THR B 241 -6.53 10.92 -15.09
CA THR B 241 -6.86 11.65 -13.89
C THR B 241 -6.45 10.79 -12.71
N THR B 242 -5.79 11.38 -11.73
CA THR B 242 -5.43 10.63 -10.53
C THR B 242 -6.15 11.15 -9.31
N LEU B 243 -6.47 10.22 -8.40
CA LEU B 243 -7.15 10.53 -7.16
C LEU B 243 -6.40 9.89 -6.00
N SER B 244 -6.55 10.48 -4.82
CA SER B 244 -6.08 9.87 -3.56
C SER B 244 -7.28 9.61 -2.68
N PHE B 245 -7.30 8.46 -2.01
CA PHE B 245 -8.32 8.17 -1.00
C PHE B 245 -7.68 8.07 0.37
N ASN B 246 -6.59 8.81 0.54
CA ASN B 246 -5.96 8.94 1.84
C ASN B 246 -7.03 9.45 2.81
N PRO B 247 -6.98 9.03 4.09
CA PRO B 247 -8.09 9.35 5.00
C PRO B 247 -8.34 10.84 5.23
N TYR B 248 -7.41 11.71 4.86
CA TYR B 248 -7.67 13.14 5.07
C TYR B 248 -8.34 13.80 3.87
N LYS B 249 -8.54 13.06 2.78
CA LYS B 249 -9.05 13.65 1.55
C LYS B 249 -10.56 13.85 1.67
N ASN B 250 -11.15 14.59 0.74
CA ASN B 250 -12.60 14.82 0.79
C ASN B 250 -13.40 13.53 0.85
N PHE B 251 -12.84 12.50 0.20
CA PHE B 251 -13.32 11.14 0.37
C PHE B 251 -12.09 10.25 0.58
N GLY B 252 -12.08 9.49 1.67
CA GLY B 252 -10.94 8.64 1.96
C GLY B 252 -11.36 7.30 2.51
N VAL B 253 -10.43 6.34 2.50
CA VAL B 253 -10.68 5.04 3.10
C VAL B 253 -10.01 4.97 4.47
N CYS B 254 -9.61 3.78 4.91
CA CYS B 254 -8.95 3.66 6.21
C CYS B 254 -7.54 3.10 6.06
N GLY B 255 -6.77 3.74 5.19
CA GLY B 255 -5.43 3.30 4.88
C GLY B 255 -5.06 4.07 3.64
N LYS B 256 -3.99 3.67 2.97
CA LYS B 256 -3.60 4.34 1.74
C LYS B 256 -4.34 3.71 0.56
N ALA B 257 -4.74 4.54 -0.41
CA ALA B 257 -5.38 4.10 -1.65
C ALA B 257 -5.47 5.29 -2.61
N GLY B 258 -5.63 4.98 -3.90
CA GLY B 258 -5.83 6.01 -4.88
C GLY B 258 -6.50 5.43 -6.10
N ALA B 259 -6.53 6.19 -7.19
CA ALA B 259 -7.07 5.66 -8.41
C ALA B 259 -6.58 6.41 -9.63
N ILE B 260 -6.58 5.70 -10.74
CA ILE B 260 -6.30 6.26 -12.06
C ILE B 260 -7.61 6.13 -12.85
N ALA B 261 -8.01 7.19 -13.54
CA ALA B 261 -9.19 7.11 -14.39
C ALA B 261 -8.85 7.61 -15.79
N THR B 262 -9.32 6.88 -16.80
CA THR B 262 -9.05 7.27 -18.18
C THR B 262 -10.13 6.71 -19.08
N ASP B 263 -10.29 7.30 -20.27
CA ASP B 263 -11.28 6.81 -21.22
C ASP B 263 -10.61 5.89 -22.22
N ASN B 264 -9.28 5.83 -22.18
CA ASN B 264 -8.54 5.12 -23.20
C ASN B 264 -8.24 3.69 -22.78
N GLU B 265 -8.71 2.71 -23.55
CA GLU B 265 -8.62 1.31 -23.17
C GLU B 265 -7.19 0.76 -23.16
N GLU B 266 -6.39 1.11 -24.16
CA GLU B 266 -5.03 0.60 -24.21
C GLU B 266 -4.21 1.19 -23.08
N LEU B 267 -4.54 2.44 -22.73
CA LEU B 267 -3.82 3.12 -21.66
C LEU B 267 -4.21 2.49 -20.33
N ALA B 268 -5.51 2.23 -20.15
CA ALA B 268 -6.00 1.52 -18.98
C ALA B 268 -5.32 0.17 -18.83
N LYS B 269 -5.19 -0.58 -19.93
CA LYS B 269 -4.50 -1.86 -19.89
C LYS B 269 -3.06 -1.72 -19.38
N LYS B 270 -2.35 -0.71 -19.85
CA LYS B 270 -0.99 -0.47 -19.39
C LYS B 270 -0.95 -0.07 -17.92
N CYS B 271 -1.96 0.69 -17.47
CA CYS B 271 -2.03 1.03 -16.04
C CYS B 271 -2.19 -0.20 -15.19
N ILE B 272 -3.05 -1.12 -15.64
CA ILE B 272 -3.30 -2.33 -14.87
C ILE B 272 -2.01 -3.15 -14.85
N GLN B 273 -1.33 -3.24 -15.99
CA GLN B 273 -0.07 -4.00 -16.05
C GLN B 273 0.97 -3.45 -15.09
N PHE B 274 1.16 -2.13 -15.12
CA PHE B 274 2.15 -1.51 -14.21
C PHE B 274 1.73 -1.61 -12.76
N SER B 275 0.43 -1.58 -12.50
CA SER B 275 -0.09 -1.64 -11.13
C SER B 275 0.08 -3.01 -10.49
N TYR B 276 0.33 -4.03 -11.31
CA TYR B 276 0.40 -5.37 -10.78
C TYR B 276 1.47 -6.20 -11.46
N HIS B 277 2.72 -5.88 -11.16
CA HIS B 277 3.88 -6.74 -11.46
C HIS B 277 4.21 -6.90 -12.93
N GLY B 278 3.55 -6.11 -13.77
CA GLY B 278 3.77 -6.19 -15.19
C GLY B 278 3.06 -7.38 -15.79
N PHE B 279 2.16 -7.98 -15.03
CA PHE B 279 1.44 -9.15 -15.51
C PHE B 279 0.40 -8.80 -16.57
N GLU B 280 0.17 -9.73 -17.49
CA GLU B 280 -0.99 -9.66 -18.38
C GLU B 280 -2.22 -9.44 -17.52
N VAL B 281 -3.14 -8.62 -17.99
CA VAL B 281 -4.35 -8.32 -17.22
C VAL B 281 -5.09 -9.60 -16.83
N ASN B 282 -5.32 -9.76 -15.52
CA ASN B 282 -5.98 -10.93 -14.95
C ASN B 282 -5.33 -12.26 -15.25
N VAL B 283 -4.05 -12.25 -15.63
CA VAL B 283 -3.30 -13.50 -15.75
C VAL B 283 -2.05 -13.42 -14.89
N LYS B 284 -2.18 -13.92 -13.67
CA LYS B 284 -1.10 -13.79 -12.69
C LYS B 284 0.13 -14.55 -13.13
N ASN B 285 1.30 -13.99 -12.83
CA ASN B 285 2.61 -14.63 -13.02
C ASN B 285 3.15 -14.61 -14.43
N LYS B 286 2.35 -14.09 -15.36
CA LYS B 286 2.81 -13.99 -16.75
C LYS B 286 3.05 -12.53 -17.09
N LYS B 287 4.33 -12.13 -17.14
CA LYS B 287 4.65 -10.74 -17.41
C LYS B 287 4.56 -10.45 -18.90
N VAL B 288 4.09 -9.26 -19.22
CA VAL B 288 4.00 -8.84 -20.62
C VAL B 288 4.72 -7.51 -20.86
N ILE B 289 5.07 -6.81 -19.78
CA ILE B 289 5.97 -5.66 -19.87
C ILE B 289 7.17 -5.89 -18.95
N ASN B 290 8.20 -5.09 -19.11
CA ASN B 290 9.48 -5.34 -18.45
C ASN B 290 9.38 -5.52 -16.93
N PHE B 291 8.61 -4.65 -16.31
CA PHE B 291 8.40 -4.73 -14.88
C PHE B 291 7.13 -4.04 -14.47
N GLY B 292 6.69 -4.27 -13.24
CA GLY B 292 5.53 -3.60 -12.70
C GLY B 292 5.67 -3.47 -11.20
N PHE B 293 4.67 -2.89 -10.55
CA PHE B 293 4.71 -2.67 -9.12
C PHE B 293 3.69 -3.53 -8.41
N ASN B 294 3.68 -3.49 -7.08
CA ASN B 294 2.62 -4.14 -6.35
C ASN B 294 1.74 -3.03 -5.80
N SER B 295 0.91 -2.46 -6.68
CA SER B 295 0.29 -1.19 -6.38
C SER B 295 -1.20 -1.13 -6.64
N LYS B 296 -1.89 -2.27 -6.59
CA LYS B 296 -3.34 -2.22 -6.62
C LYS B 296 -3.88 -1.84 -5.24
N MET B 297 -5.09 -1.28 -5.21
CA MET B 297 -5.75 -1.06 -3.94
C MET B 297 -6.13 -2.41 -3.30
N ASP B 298 -6.14 -2.46 -1.97
CA ASP B 298 -6.56 -3.69 -1.28
C ASP B 298 -8.08 -3.84 -1.30
N ASN B 299 -8.54 -5.06 -1.54
CA ASN B 299 -9.97 -5.41 -1.43
C ASN B 299 -10.60 -4.93 -0.13
N LEU B 300 -9.88 -5.04 0.97
CA LEU B 300 -10.42 -4.57 2.24
C LEU B 300 -10.70 -3.07 2.23
N GLN B 301 -9.78 -2.28 1.67
CA GLN B 301 -10.01 -0.84 1.61
C GLN B 301 -11.12 -0.49 0.62
N ALA B 302 -11.25 -1.27 -0.44
CA ALA B 302 -12.35 -1.07 -1.39
C ALA B 302 -13.71 -1.31 -0.73
N ALA B 303 -13.79 -2.33 0.12
CA ALA B 303 -15.03 -2.55 0.86
C ALA B 303 -15.31 -1.35 1.77
N ILE B 304 -14.25 -0.85 2.40
CA ILE B 304 -14.38 0.32 3.27
C ILE B 304 -14.76 1.55 2.46
N GLY B 305 -14.15 1.72 1.30
CA GLY B 305 -14.46 2.85 0.43
C GLY B 305 -15.91 2.84 -0.06
N LEU B 306 -16.43 1.65 -0.37
CA LEU B 306 -17.84 1.52 -0.74
C LEU B 306 -18.79 1.99 0.38
N GLU B 307 -18.33 1.99 1.63
CA GLU B 307 -19.15 2.55 2.73
C GLU B 307 -18.90 4.04 2.93
N ARG B 308 -17.64 4.43 2.96
CA ARG B 308 -17.31 5.83 3.21
C ARG B 308 -17.77 6.76 2.09
N MET B 309 -17.83 6.24 0.86
CA MET B 309 -18.22 7.05 -0.28
C MET B 309 -19.69 7.47 -0.19
N LYS B 310 -20.47 6.76 0.61
CA LYS B 310 -21.89 7.13 0.82
C LYS B 310 -22.03 8.52 1.45
N TYR B 311 -20.94 9.02 2.00
CA TYR B 311 -20.95 10.30 2.71
C TYR B 311 -20.42 11.46 1.86
N LEU B 312 -19.92 11.17 0.66
CA LEU B 312 -19.15 12.15 -0.11
C LEU B 312 -19.96 13.36 -0.51
N SER B 313 -21.16 13.15 -1.06
CA SER B 313 -21.91 14.30 -1.56
C SER B 313 -22.29 15.25 -0.42
N LEU B 314 -22.76 14.68 0.67
CA LEU B 314 -23.08 15.46 1.85
C LEU B 314 -21.86 16.20 2.39
N ASN B 315 -20.75 15.48 2.50
CA ASN B 315 -19.54 16.11 3.00
C ASN B 315 -19.03 17.21 2.10
N ASN B 316 -19.06 16.99 0.79
CA ASN B 316 -18.63 18.05 -0.10
C ASN B 316 -19.54 19.27 0.01
N PHE B 317 -20.84 19.03 0.18
CA PHE B 317 -21.74 20.17 0.37
C PHE B 317 -21.43 20.90 1.68
N LYS B 318 -21.22 20.16 2.76
CA LYS B 318 -20.84 20.81 4.02
C LYS B 318 -19.57 21.64 3.88
N ARG B 319 -18.60 21.15 3.11
CA ARG B 319 -17.37 21.91 2.89
C ARG B 319 -17.68 23.21 2.15
N LEU B 320 -18.53 23.12 1.14
CA LEU B 320 -18.93 24.31 0.40
C LEU B 320 -19.65 25.30 1.31
N PHE B 321 -20.53 24.80 2.18
CA PHE B 321 -21.26 25.68 3.10
C PHE B 321 -20.28 26.40 4.01
N LEU B 322 -19.31 25.66 4.53
CA LEU B 322 -18.27 26.29 5.34
C LEU B 322 -17.45 27.35 4.60
N ALA B 323 -17.09 27.05 3.35
CA ALA B 323 -16.27 28.00 2.58
C ALA B 323 -17.06 29.28 2.35
N ASP B 324 -18.31 29.11 1.96
CA ASP B 324 -19.20 30.23 1.73
C ASP B 324 -19.37 31.07 3.00
N ARG B 325 -19.46 30.39 4.13
CA ARG B 325 -19.62 31.11 5.40
C ARG B 325 -18.36 31.92 5.72
N TYR B 326 -17.17 31.35 5.51
CA TYR B 326 -15.94 32.11 5.69
C TYR B 326 -15.91 33.32 4.76
N ILE B 327 -16.21 33.10 3.49
CA ILE B 327 -16.08 34.15 2.49
C ILE B 327 -17.04 35.30 2.78
N THR B 328 -18.26 34.95 3.14
CA THR B 328 -19.26 35.94 3.52
C THR B 328 -18.91 36.68 4.82
N GLN B 329 -18.58 35.93 5.89
CA GLN B 329 -18.42 36.56 7.21
C GLN B 329 -17.12 37.33 7.37
N LEU B 330 -16.10 36.96 6.58
CA LEU B 330 -14.81 37.64 6.64
C LEU B 330 -14.72 38.76 5.60
N ALA B 331 -15.83 39.02 4.91
CA ALA B 331 -15.85 39.95 3.77
C ALA B 331 -15.19 41.29 4.08
N GLU B 332 -15.43 41.81 5.27
CA GLU B 332 -14.94 43.13 5.64
C GLU B 332 -13.42 43.19 5.61
N LEU B 333 -12.77 42.12 6.05
CA LEU B 333 -11.31 42.10 6.08
C LEU B 333 -10.72 42.19 4.67
N GLN B 334 -11.42 41.64 3.69
CA GLN B 334 -10.98 41.74 2.30
C GLN B 334 -11.34 43.11 1.71
N ASN B 335 -12.57 43.56 1.99
CA ASN B 335 -13.06 44.84 1.48
C ASN B 335 -12.13 45.99 1.90
N LYS B 336 -11.50 45.86 3.06
CA LYS B 336 -10.60 46.88 3.58
C LYS B 336 -9.13 46.57 3.30
N GLY B 337 -8.88 45.52 2.51
CA GLY B 337 -7.53 45.22 2.03
C GLY B 337 -6.57 44.53 2.99
N TYR B 338 -7.10 43.95 4.06
CA TYR B 338 -6.26 43.28 5.05
C TYR B 338 -5.92 41.83 4.67
N ILE B 339 -6.87 41.15 4.03
CA ILE B 339 -6.66 39.80 3.55
C ILE B 339 -7.25 39.63 2.17
N GLU B 340 -6.89 38.56 1.47
CA GLU B 340 -7.63 38.16 0.27
C GLU B 340 -8.35 36.86 0.57
N LEU B 341 -9.59 36.74 0.13
CA LEU B 341 -10.38 35.54 0.33
C LEU B 341 -10.42 34.78 -0.99
N PRO B 342 -10.60 33.45 -0.95
CA PRO B 342 -10.79 32.74 -2.21
C PRO B 342 -12.10 33.17 -2.86
N GLU B 343 -12.20 33.02 -4.17
CA GLU B 343 -13.45 33.31 -4.87
C GLU B 343 -14.44 32.19 -4.62
N LEU B 344 -15.69 32.55 -4.37
CA LEU B 344 -16.74 31.54 -4.28
C LEU B 344 -17.07 31.06 -5.69
N SER B 345 -16.40 30.01 -6.15
CA SER B 345 -16.62 29.53 -7.50
C SER B 345 -17.08 28.08 -7.52
N GLU B 346 -17.75 27.71 -8.60
CA GLU B 346 -18.28 26.37 -8.80
C GLU B 346 -17.18 25.34 -8.98
N ASP B 347 -15.99 25.79 -9.34
CA ASP B 347 -14.91 24.88 -9.69
C ASP B 347 -13.93 24.69 -8.52
N HIS B 348 -14.50 24.43 -7.35
CA HIS B 348 -13.70 24.23 -6.14
C HIS B 348 -14.46 23.22 -5.29
N VAL B 349 -13.74 22.28 -4.68
CA VAL B 349 -14.37 21.36 -3.71
C VAL B 349 -13.86 21.60 -2.29
N TRP B 350 -13.01 22.61 -2.11
CA TRP B 350 -12.71 23.09 -0.76
C TRP B 350 -12.09 22.02 0.12
N HIS B 351 -11.06 21.36 -0.39
CA HIS B 351 -10.27 20.45 0.42
C HIS B 351 -9.51 21.23 1.51
N LEU B 352 -8.96 22.38 1.11
CA LEU B 352 -8.32 23.31 2.04
C LEU B 352 -8.87 24.70 1.76
N PHE B 353 -8.82 25.57 2.75
CA PHE B 353 -9.38 26.92 2.60
C PHE B 353 -8.29 27.96 2.78
N PRO B 354 -7.76 28.47 1.66
CA PRO B 354 -6.63 29.40 1.72
C PRO B 354 -7.07 30.86 1.69
N ILE B 355 -6.60 31.64 2.66
CA ILE B 355 -6.72 33.08 2.55
C ILE B 355 -5.31 33.59 2.33
N LYS B 356 -5.16 34.86 2.00
CA LYS B 356 -3.83 35.43 1.97
C LYS B 356 -3.75 36.59 2.95
N VAL B 357 -2.65 36.64 3.70
CA VAL B 357 -2.38 37.75 4.61
C VAL B 357 -1.04 38.38 4.22
N ARG B 358 -0.69 39.50 4.83
CA ARG B 358 0.60 40.14 4.52
C ARG B 358 1.77 39.23 4.86
N THR B 359 2.75 39.20 3.97
CA THR B 359 3.93 38.36 4.18
C THR B 359 4.55 38.64 5.54
N GLU B 360 4.66 39.93 5.86
CA GLU B 360 5.32 40.36 7.10
C GLU B 360 4.53 40.03 8.36
N ASP B 361 3.23 39.76 8.23
CA ASP B 361 2.38 39.55 9.41
C ASP B 361 1.95 38.11 9.67
N ARG B 362 2.13 37.22 8.68
CA ARG B 362 1.58 35.85 8.80
C ARG B 362 2.03 35.12 10.06
N ALA B 363 3.32 35.18 10.39
CA ALA B 363 3.82 34.45 11.54
C ALA B 363 3.17 34.97 12.82
N ASP B 364 3.02 36.29 12.92
CA ASP B 364 2.39 36.89 14.10
C ASP B 364 0.91 36.54 14.14
N ILE B 365 0.24 36.54 12.99
CA ILE B 365 -1.17 36.20 12.94
C ILE B 365 -1.41 34.78 13.44
N MET B 366 -0.58 33.85 12.99
CA MET B 366 -0.73 32.45 13.38
C MET B 366 -0.48 32.27 14.87
N THR B 367 0.57 32.92 15.36
CA THR B 367 0.93 32.83 16.77
C THR B 367 -0.17 33.38 17.67
N LYS B 368 -0.66 34.57 17.35
CA LYS B 368 -1.70 35.19 18.16
C LYS B 368 -3.03 34.44 18.12
N LEU B 369 -3.40 33.90 16.96
CA LEU B 369 -4.62 33.10 16.89
C LEU B 369 -4.50 31.92 17.86
N ASN B 370 -3.34 31.26 17.85
CA ASN B 370 -3.10 30.10 18.69
C ASN B 370 -2.96 30.45 20.17
N GLU B 371 -2.04 31.39 20.47
CA GLU B 371 -1.79 31.81 21.85
C GLU B 371 -3.00 32.47 22.52
N ASP B 372 -3.62 33.41 21.81
CA ASP B 372 -4.69 34.18 22.41
C ASP B 372 -6.04 33.47 22.37
N PHE B 373 -6.28 32.70 21.30
CA PHE B 373 -7.63 32.17 21.08
C PHE B 373 -7.71 30.66 20.90
N GLY B 374 -6.56 29.99 20.98
CA GLY B 374 -6.50 28.54 20.83
C GLY B 374 -6.89 28.07 19.44
N VAL B 375 -6.83 28.97 18.48
CA VAL B 375 -7.20 28.67 17.10
C VAL B 375 -5.95 28.25 16.32
N GLN B 376 -5.96 27.01 15.83
CA GLN B 376 -4.81 26.51 15.07
C GLN B 376 -5.00 26.69 13.56
N THR B 377 -4.00 27.24 12.90
CA THR B 377 -4.03 27.39 11.44
C THR B 377 -2.84 26.63 10.87
N ASP B 378 -2.69 26.63 9.55
CA ASP B 378 -1.58 25.89 8.96
C ASP B 378 -1.22 26.47 7.61
N VAL B 379 -0.08 26.03 7.08
CA VAL B 379 0.32 26.40 5.71
C VAL B 379 0.70 25.14 4.96
N TYR B 380 -0.17 24.73 4.03
CA TYR B 380 0.10 23.60 3.13
C TYR B 380 0.67 24.19 1.84
N TYR B 381 1.97 24.04 1.56
CA TYR B 381 2.96 23.23 2.26
C TYR B 381 4.15 24.13 2.58
N PRO B 382 4.97 23.77 3.59
CA PRO B 382 5.97 24.73 4.08
C PRO B 382 7.17 25.01 3.17
N ILE B 383 7.52 24.08 2.28
CA ILE B 383 8.69 24.23 1.43
C ILE B 383 8.33 23.96 -0.02
N LEU B 384 8.72 24.87 -0.93
CA LEU B 384 8.41 24.71 -2.34
C LEU B 384 9.42 23.74 -2.97
N SER B 385 9.02 23.11 -4.07
CA SER B 385 9.83 22.06 -4.68
C SER B 385 11.26 22.50 -4.99
N HIS B 386 11.40 23.68 -5.54
CA HIS B 386 12.72 24.12 -6.01
C HIS B 386 13.54 24.72 -4.86
N MET B 387 13.02 24.63 -3.64
CA MET B 387 13.70 25.19 -2.48
C MET B 387 14.01 24.11 -1.44
N GLN B 388 13.74 22.86 -1.80
CA GLN B 388 14.11 21.72 -0.97
C GLN B 388 15.62 21.54 -1.02
N LYS B 389 16.21 21.20 0.13
CA LYS B 389 17.66 21.06 0.21
C LYS B 389 18.10 19.63 -0.09
N THR B 390 18.11 19.32 -1.38
CA THR B 390 18.47 18.00 -1.87
C THR B 390 19.53 18.17 -2.94
N PRO B 391 20.32 17.13 -3.19
CA PRO B 391 21.39 17.21 -4.20
C PRO B 391 20.82 17.54 -5.57
N LEU B 392 19.68 16.95 -5.90
CA LEU B 392 19.05 17.22 -7.18
C LEU B 392 18.68 18.69 -7.33
N VAL B 393 18.17 19.30 -6.27
CA VAL B 393 17.79 20.71 -6.37
C VAL B 393 19.04 21.56 -6.57
N GLN B 394 20.09 21.25 -5.83
CA GLN B 394 21.35 21.98 -6.00
C GLN B 394 21.94 21.80 -7.40
N ASP B 395 21.84 20.59 -7.95
CA ASP B 395 22.45 20.30 -9.25
C ASP B 395 21.63 20.79 -10.43
N LYS B 396 20.33 20.96 -10.24
CA LYS B 396 19.48 21.25 -11.38
C LYS B 396 18.55 22.47 -11.24
N TYR B 397 18.08 22.76 -10.03
CA TYR B 397 17.04 23.77 -9.88
C TYR B 397 17.54 25.02 -9.17
N ALA B 398 18.83 25.02 -8.84
CA ALA B 398 19.44 26.18 -8.18
C ALA B 398 19.40 27.39 -9.10
N GLY B 399 19.00 28.52 -8.53
CA GLY B 399 18.88 29.75 -9.30
C GLY B 399 17.49 29.97 -9.86
N LEU B 400 16.65 28.93 -9.81
CA LEU B 400 15.30 29.02 -10.35
C LEU B 400 14.45 30.00 -9.56
N GLN B 401 13.76 30.88 -10.27
CA GLN B 401 12.98 31.91 -9.61
C GLN B 401 11.54 31.79 -10.09
N LEU B 402 10.62 31.55 -9.17
CA LEU B 402 9.20 31.47 -9.51
C LEU B 402 8.52 32.55 -8.70
N VAL B 403 8.47 33.77 -9.25
CA VAL B 403 8.06 34.94 -8.48
C VAL B 403 6.65 34.82 -7.88
N HIS B 404 5.68 34.40 -8.66
CA HIS B 404 4.31 34.37 -8.13
C HIS B 404 4.13 33.25 -7.11
N THR B 405 4.76 32.11 -7.38
CA THR B 405 4.69 30.98 -6.45
C THR B 405 5.30 31.37 -5.11
N GLU B 406 6.47 31.99 -5.14
CA GLU B 406 7.18 32.32 -3.91
C GLU B 406 6.45 33.38 -3.10
N LYS B 407 5.89 34.37 -3.79
CA LYS B 407 5.10 35.41 -3.12
C LYS B 407 3.84 34.82 -2.48
N ALA B 408 3.07 34.07 -3.26
CA ALA B 408 1.84 33.48 -2.74
C ALA B 408 2.13 32.54 -1.57
N HIS B 409 3.24 31.81 -1.68
CA HIS B 409 3.68 30.86 -0.66
C HIS B 409 3.92 31.55 0.68
N SER B 410 4.40 32.79 0.64
CA SER B 410 4.67 33.57 1.83
C SER B 410 3.40 34.22 2.42
N GLN B 411 2.31 34.22 1.66
CA GLN B 411 1.08 34.89 2.09
C GLN B 411 -0.04 33.94 2.50
N VAL B 412 -0.01 32.72 1.96
CA VAL B 412 -1.16 31.82 2.15
C VAL B 412 -1.28 31.36 3.61
N LEU B 413 -2.52 31.29 4.08
CA LEU B 413 -2.81 30.78 5.41
C LEU B 413 -4.08 29.96 5.27
N HIS B 414 -4.04 28.73 5.76
CA HIS B 414 -5.21 27.85 5.68
C HIS B 414 -5.99 27.86 6.99
N LEU B 415 -7.30 27.99 6.88
CA LEU B 415 -8.19 28.04 8.04
C LEU B 415 -8.85 26.69 8.16
N PRO B 416 -9.22 26.30 9.39
CA PRO B 416 -9.83 24.97 9.59
C PRO B 416 -11.07 24.78 8.74
N LEU B 417 -11.16 23.64 8.07
CA LEU B 417 -12.33 23.33 7.24
C LEU B 417 -12.34 21.85 6.93
N TYR B 418 -13.36 21.16 7.43
CA TYR B 418 -13.55 19.75 7.16
C TYR B 418 -15.02 19.46 7.48
N PRO B 419 -15.57 18.35 6.96
CA PRO B 419 -17.02 18.17 7.04
C PRO B 419 -17.62 18.21 8.45
N SER B 420 -16.92 17.62 9.44
CA SER B 420 -17.45 17.59 10.80
C SER B 420 -17.09 18.82 11.65
N PHE B 421 -16.49 19.82 11.02
CA PHE B 421 -16.17 21.07 11.70
C PHE B 421 -17.48 21.73 12.13
N THR B 422 -17.51 22.36 13.30
CA THR B 422 -18.77 22.97 13.75
C THR B 422 -18.79 24.45 13.45
N LEU B 423 -20.00 24.99 13.28
CA LEU B 423 -20.12 26.40 12.98
C LEU B 423 -19.73 27.25 14.18
N GLU B 424 -19.93 26.71 15.40
CA GLU B 424 -19.49 27.45 16.59
C GLU B 424 -17.95 27.53 16.65
N GLU B 425 -17.26 26.48 16.23
CA GLU B 425 -15.81 26.56 16.11
C GLU B 425 -15.44 27.57 15.03
N GLN B 426 -16.20 27.56 13.94
CA GLN B 426 -15.86 28.47 12.84
C GLN B 426 -16.07 29.91 13.28
N ASP B 427 -17.08 30.15 14.12
CA ASP B 427 -17.32 31.48 14.68
C ASP B 427 -16.06 31.95 15.39
N ARG B 428 -15.49 31.05 16.18
CA ARG B 428 -14.28 31.36 16.95
C ARG B 428 -13.07 31.66 16.06
N VAL B 429 -12.92 30.90 14.98
CA VAL B 429 -11.87 31.18 14.00
C VAL B 429 -12.04 32.58 13.43
N MET B 430 -13.27 32.91 13.04
CA MET B 430 -13.53 34.20 12.38
C MET B 430 -13.42 35.39 13.32
N GLU B 431 -14.02 35.28 14.52
CA GLU B 431 -13.89 36.35 15.50
C GLU B 431 -12.43 36.55 15.91
N GLY B 432 -11.72 35.45 16.11
CA GLY B 432 -10.29 35.51 16.38
C GLY B 432 -9.51 36.24 15.29
N LEU B 433 -9.82 35.94 14.03
CA LEU B 433 -9.10 36.57 12.92
C LEU B 433 -9.32 38.08 12.91
N PHE B 434 -10.57 38.50 13.13
CA PHE B 434 -10.88 39.93 13.19
C PHE B 434 -10.10 40.58 14.31
N HIS B 435 -10.14 39.97 15.48
N HIS B 435 -10.15 39.98 15.49
CA HIS B 435 -9.48 40.49 16.67
CA HIS B 435 -9.46 40.50 16.67
C HIS B 435 -7.97 40.63 16.49
C HIS B 435 -7.95 40.65 16.46
N VAL B 436 -7.35 39.63 15.89
CA VAL B 436 -5.91 39.64 15.65
C VAL B 436 -5.49 40.70 14.62
N ILE B 437 -6.20 40.78 13.49
CA ILE B 437 -5.93 41.82 12.50
C ILE B 437 -6.14 43.20 13.11
N LYS B 438 -7.27 43.37 13.79
CA LYS B 438 -7.63 44.66 14.39
C LYS B 438 -6.63 45.10 15.46
N GLN B 439 -6.09 44.15 16.22
CA GLN B 439 -5.08 44.50 17.22
C GLN B 439 -3.75 44.88 16.55
N GLU B 440 -3.48 44.33 15.37
CA GLU B 440 -2.28 44.67 14.61
C GLU B 440 -2.30 46.11 14.09
N ILE B 441 -3.49 46.63 13.84
CA ILE B 441 -3.64 48.01 13.37
C ILE B 441 -3.63 48.99 14.55
#